data_8BAH
#
_entry.id   8BAH
#
loop_
_entity.id
_entity.type
_entity.pdbx_description
1 polymer 'Double-strand break repair protein MRE11'
2 polymer Nibrin
3 non-polymer 'MANGANESE (II) ION'
#
loop_
_entity_poly.entity_id
_entity_poly.type
_entity_poly.pdbx_seq_one_letter_code
_entity_poly.pdbx_strand_id
1 'polypeptide(L)'
;MSTADALDDENTFKILVATDIHLGFMEKDAVRGNDTFVTLDEILRLAQENEVDFILLGGDLFHENKPSRKTLHTCLELLR
KYCMGDRPVQFEILSDQSVNFGFSKFPWVNYQDGNLNISIPVFSIHGNNDDPTGADALCALDILSCAGFVNHFGRSMSVE
KIDISPVLLQKGSTKIALYGLGSIPDERLYRMFVNKKVTMLRPKEDENSWFNLFVIHQNRSKHGSTNFIPEQFLDDFIDL
VIWGHEHECKIAPTKNEQQLFYISQPGSSVVTSLSPGEAVKKHVGLLRIKGRKMNMHKIPLHTVRQFFMEDIVLANHPDI
FNPDNPKVTQAIQSFCLEKIEEMLENAERERLGNSHQPEKPLVRLRVDYSGGFEPFSVLRFSQKFVDRVANPKDIIHFFR
HREQKEKTGEEINFGKLITKPSEGTTLRVEDLVKQYFQTAEKNVQLSLLTERGMGEAVQEFVDKEEKDAIEELVKYQLEK
TQRFLKERHIDALEDKIDEEVRRFRETRQKNTNEEDDEVREAMTRARALRSQSEESASAFSADDLMSIDLAEQMANDSDD
SISAATNKGRGRGRGRRGGRGQNSASRGGSQRGRADTGLETSTRSRNSKTAVSASRNMSIIDAFKSTRQQPSRNVTTKNY
SEVIEVDESDVEEDIFPTTSKTDQRWSSTSSSKIMSQSQVSKGVDFESSEDDDDDPFMNTSSLRRNRRSGGSLEVLFQGP
DYKDDDDKGTDYKDDDDK
;
A,B
2 'polypeptide(L)'
;MWKLLPAAGPAGGEPYRLLTGVEYVVGRKNCAILIENDQSISRNHAVLTANFSVTNLSQTDEIPVLTLKDNSKYGTFVNE
EKMQNGFSRTLKSGDGITFGVFGSKFRIEYEPLVACSSCLDVSGKTALNQAILQLGGFTVNNWTEECTHLVMVSVKVTIK
TICALICGRPIVKPEYFTEFLKAVESKKQPPQIESFYPPLDEPSIGSKNVDLSGRQERKQIFKGKTFIFLNAKQHKKLSS
AVVFGGGEARLITEENEEEHNFFLAPGTCVVDTGITNSQTLIPDCQKKWIQSIMDMLQRQGLRPIPEAEIGLAVIFMTTK
NYCDPQGHPSTGLKTTTPGPSLSQGVSVDEKLMPSAPVNTTTYVADTESEQADTWDLSERPKEIKVSKMEQKFRMLSQDA
PTVKESCKTSSNNNSMVSNTLAKMRIPNYQLSPTKLPSINKSKDRASQQQQTNSIRNYFQPSTKKRERDEENQEMSSCKS
ARIETSCSLLEQTQPATPSLWKNKEQHLSENEPVDTNSDNNLFTDTDLKSIVKNSASKSHAAEKLRSNKKREMDDVAIED
EVLEQLFKDTKPELEIDVKVQKQEEDVNVRKRPRMDIETNDTFSDEAVPESSKISQENEIGKKRELKEDSLWSAKEISNN
DKLQDDSEMLPKKLLLTEFRSLVIKNSTSRNPSGINDDYGQLKNFKKFKKVTYPGAGKLPHIIGGSDLIAHHARKNTELE
EWLRQEMEVQNQHAKEESLADDLFRYNPYLKRRR
;
C
#
# COMPACT_ATOMS: atom_id res chain seq x y z
N SER A 2 -34.94 -3.81 -24.54
CA SER A 2 -34.56 -2.47 -24.99
C SER A 2 -33.39 -2.55 -25.97
N THR A 3 -33.10 -1.43 -26.64
CA THR A 3 -31.99 -1.41 -27.58
C THR A 3 -30.67 -1.68 -26.89
N ALA A 4 -30.49 -1.12 -25.69
CA ALA A 4 -29.24 -1.36 -24.95
C ALA A 4 -29.07 -2.84 -24.63
N ASP A 5 -30.15 -3.51 -24.24
CA ASP A 5 -30.05 -4.93 -23.92
C ASP A 5 -29.60 -5.75 -25.12
N ALA A 6 -30.18 -5.47 -26.30
CA ALA A 6 -29.72 -6.13 -27.51
C ALA A 6 -28.26 -5.80 -27.78
N LEU A 7 -27.88 -4.53 -27.58
CA LEU A 7 -26.50 -4.13 -27.74
C LEU A 7 -25.55 -4.81 -26.77
N ASP A 8 -26.06 -5.33 -25.66
CA ASP A 8 -25.25 -6.08 -24.70
C ASP A 8 -25.20 -7.54 -25.16
N ASP A 9 -24.13 -7.88 -25.87
CA ASP A 9 -23.95 -9.24 -26.35
C ASP A 9 -22.54 -9.73 -26.06
N GLU A 10 -22.22 -10.95 -26.50
CA GLU A 10 -20.88 -11.48 -26.30
C GLU A 10 -19.82 -10.67 -27.04
N ASN A 11 -20.21 -9.90 -28.04
CA ASN A 11 -19.28 -9.10 -28.84
C ASN A 11 -19.26 -7.63 -28.46
N THR A 12 -19.92 -7.26 -27.36
CA THR A 12 -20.03 -5.86 -26.95
C THR A 12 -19.23 -5.64 -25.68
N PHE A 13 -18.30 -4.69 -25.74
CA PHE A 13 -17.60 -4.25 -24.55
C PHE A 13 -18.50 -3.35 -23.72
N LYS A 14 -18.39 -3.46 -22.40
CA LYS A 14 -19.11 -2.58 -21.48
C LYS A 14 -18.07 -1.93 -20.57
N ILE A 15 -17.51 -0.82 -21.02
CA ILE A 15 -16.45 -0.13 -20.32
C ILE A 15 -17.06 0.97 -19.47
N LEU A 16 -16.81 0.91 -18.17
CA LEU A 16 -17.21 1.96 -17.27
C LEU A 16 -16.09 2.99 -17.17
N VAL A 17 -16.43 4.26 -17.29
CA VAL A 17 -15.45 5.34 -17.41
C VAL A 17 -15.68 6.33 -16.28
N ALA A 18 -14.60 6.69 -15.60
CA ALA A 18 -14.64 7.72 -14.56
C ALA A 18 -13.24 8.30 -14.44
N THR A 19 -13.14 9.45 -13.77
CA THR A 19 -11.86 10.12 -13.71
C THR A 19 -11.84 11.08 -12.53
N ASP A 20 -10.62 11.44 -12.11
CA ASP A 20 -10.40 12.45 -11.08
C ASP A 20 -11.21 12.15 -9.82
N ILE A 21 -11.10 10.91 -9.34
CA ILE A 21 -11.72 10.58 -8.07
C ILE A 21 -11.11 11.42 -6.97
N HIS A 22 -9.83 11.77 -7.09
CA HIS A 22 -9.13 12.55 -6.08
C HIS A 22 -9.41 11.96 -4.69
N LEU A 23 -9.23 10.65 -4.59
CA LEU A 23 -9.58 9.96 -3.36
C LEU A 23 -8.83 10.56 -2.18
N GLY A 24 -9.51 10.62 -1.05
CA GLY A 24 -8.95 11.21 0.15
C GLY A 24 -9.00 12.72 0.19
N PHE A 25 -9.56 13.36 -0.84
CA PHE A 25 -9.62 14.81 -0.84
C PHE A 25 -10.34 15.31 0.39
N MET A 26 -9.73 16.30 1.06
CA MET A 26 -10.27 16.83 2.30
C MET A 26 -10.63 15.70 3.26
N GLU A 27 -9.72 14.75 3.39
CA GLU A 27 -9.95 13.62 4.28
C GLU A 27 -10.05 14.09 5.73
N LYS A 28 -9.19 15.01 6.14
CA LYS A 28 -9.19 15.50 7.51
C LYS A 28 -10.40 16.36 7.83
N ASP A 29 -11.18 16.77 6.83
CA ASP A 29 -12.38 17.54 7.09
C ASP A 29 -13.36 16.74 7.93
N ALA A 30 -14.04 17.43 8.84
CA ALA A 30 -15.03 16.76 9.69
C ALA A 30 -16.28 16.40 8.91
N VAL A 31 -16.71 17.27 8.00
CA VAL A 31 -18.00 17.12 7.34
C VAL A 31 -17.87 16.38 6.02
N ARG A 32 -16.87 16.73 5.22
CA ARG A 32 -16.68 16.17 3.89
C ARG A 32 -15.72 14.99 3.91
N GLY A 33 -15.34 14.52 5.09
CA GLY A 33 -14.25 13.57 5.19
C GLY A 33 -14.46 12.32 4.36
N ASN A 34 -15.65 11.75 4.42
CA ASN A 34 -15.93 10.48 3.76
C ASN A 34 -16.46 10.64 2.34
N ASP A 35 -16.59 11.88 1.85
CA ASP A 35 -17.18 12.09 0.54
C ASP A 35 -16.48 11.27 -0.54
N THR A 36 -15.14 11.36 -0.60
CA THR A 36 -14.39 10.62 -1.61
C THR A 36 -14.57 9.12 -1.44
N PHE A 37 -14.46 8.62 -0.21
CA PHE A 37 -14.56 7.18 0.02
C PHE A 37 -15.94 6.67 -0.38
N VAL A 38 -16.99 7.37 0.04
CA VAL A 38 -18.33 6.93 -0.27
C VAL A 38 -18.57 6.99 -1.78
N THR A 39 -18.02 8.01 -2.43
CA THR A 39 -18.16 8.10 -3.89
C THR A 39 -17.47 6.94 -4.57
N LEU A 40 -16.28 6.57 -4.10
CA LEU A 40 -15.60 5.42 -4.67
C LEU A 40 -16.43 4.15 -4.45
N ASP A 41 -17.01 4.02 -3.27
CA ASP A 41 -17.88 2.89 -3.00
C ASP A 41 -19.02 2.85 -4.01
N GLU A 42 -19.66 4.00 -4.23
CA GLU A 42 -20.80 4.03 -5.15
C GLU A 42 -20.38 3.69 -6.57
N ILE A 43 -19.26 4.23 -7.03
CA ILE A 43 -18.84 3.98 -8.41
C ILE A 43 -18.50 2.51 -8.59
N LEU A 44 -17.76 1.93 -7.63
CA LEU A 44 -17.44 0.51 -7.75
C LEU A 44 -18.70 -0.34 -7.69
N ARG A 45 -19.65 0.02 -6.83
CA ARG A 45 -20.89 -0.74 -6.74
C ARG A 45 -21.65 -0.68 -8.06
N LEU A 46 -21.70 0.50 -8.68
CA LEU A 46 -22.32 0.60 -10.00
C LEU A 46 -21.59 -0.27 -11.01
N ALA A 47 -20.26 -0.26 -10.96
CA ALA A 47 -19.49 -1.13 -11.85
C ALA A 47 -19.91 -2.58 -11.68
N GLN A 48 -20.07 -3.03 -10.44
CA GLN A 48 -20.45 -4.41 -10.18
C GLN A 48 -21.86 -4.70 -10.67
N GLU A 49 -22.81 -3.82 -10.34
CA GLU A 49 -24.20 -4.07 -10.70
C GLU A 49 -24.38 -4.18 -12.21
N ASN A 50 -23.78 -3.26 -12.96
CA ASN A 50 -23.92 -3.29 -14.40
C ASN A 50 -23.13 -4.41 -15.05
N GLU A 51 -22.33 -5.15 -14.27
CA GLU A 51 -21.58 -6.28 -14.79
C GLU A 51 -20.63 -5.82 -15.89
N VAL A 52 -19.87 -4.77 -15.58
CA VAL A 52 -19.00 -4.12 -16.54
C VAL A 52 -17.83 -5.04 -16.87
N ASP A 53 -17.41 -5.02 -18.13
CA ASP A 53 -16.28 -5.84 -18.55
C ASP A 53 -15.00 -5.40 -17.84
N PHE A 54 -14.79 -4.10 -17.72
CA PHE A 54 -13.65 -3.60 -16.96
C PHE A 54 -13.82 -2.11 -16.74
N ILE A 55 -12.97 -1.57 -15.89
CA ILE A 55 -12.99 -0.15 -15.55
C ILE A 55 -11.81 0.53 -16.24
N LEU A 56 -12.00 1.79 -16.60
CA LEU A 56 -10.96 2.59 -17.24
C LEU A 56 -10.93 3.96 -16.58
N LEU A 57 -10.11 4.10 -15.55
CA LEU A 57 -10.05 5.32 -14.77
C LEU A 57 -9.10 6.30 -15.44
N GLY A 58 -9.49 7.57 -15.46
CA GLY A 58 -8.76 8.59 -16.17
C GLY A 58 -7.57 9.18 -15.43
N GLY A 59 -7.33 8.79 -14.20
CA GLY A 59 -6.17 9.21 -13.45
C GLY A 59 -6.55 9.99 -12.21
N ASP A 60 -5.52 10.56 -11.58
CA ASP A 60 -5.68 11.32 -10.35
C ASP A 60 -6.40 10.50 -9.29
N LEU A 61 -6.15 9.19 -9.29
CA LEU A 61 -6.91 8.29 -8.43
C LEU A 61 -6.78 8.71 -6.96
N PHE A 62 -5.57 9.02 -6.52
CA PHE A 62 -5.35 9.54 -5.18
C PHE A 62 -5.16 11.05 -5.26
N HIS A 63 -5.81 11.76 -4.34
CA HIS A 63 -5.70 13.22 -4.36
C HIS A 63 -4.27 13.67 -4.12
N GLU A 64 -3.59 13.04 -3.17
CA GLU A 64 -2.21 13.41 -2.83
C GLU A 64 -1.23 12.48 -3.54
N ASN A 65 -0.08 13.03 -3.91
CA ASN A 65 0.92 12.22 -4.59
C ASN A 65 1.40 11.08 -3.71
N LYS A 66 1.41 11.28 -2.40
CA LYS A 66 1.74 10.25 -1.42
C LYS A 66 0.49 9.99 -0.60
N PRO A 67 -0.36 9.03 -0.97
CA PRO A 67 -1.62 8.87 -0.26
C PRO A 67 -1.40 8.54 1.20
N SER A 68 -2.23 9.12 2.06
CA SER A 68 -2.13 8.86 3.48
C SER A 68 -2.59 7.44 3.79
N ARG A 69 -2.13 6.93 4.93
CA ARG A 69 -2.32 5.51 5.24
C ARG A 69 -3.79 5.13 5.19
N LYS A 70 -4.65 5.92 5.82
CA LYS A 70 -6.07 5.60 5.84
C LYS A 70 -6.63 5.54 4.42
N THR A 71 -6.25 6.51 3.58
CA THR A 71 -6.74 6.52 2.21
C THR A 71 -6.38 5.22 1.50
N LEU A 72 -5.12 4.82 1.59
CA LEU A 72 -4.69 3.61 0.90
C LEU A 72 -5.41 2.40 1.43
N HIS A 73 -5.56 2.31 2.76
CA HIS A 73 -6.25 1.16 3.34
C HIS A 73 -7.68 1.09 2.86
N THR A 74 -8.39 2.22 2.88
CA THR A 74 -9.79 2.21 2.46
C THR A 74 -9.91 1.85 0.98
N CYS A 75 -9.06 2.42 0.14
CA CYS A 75 -9.13 2.12 -1.28
C CYS A 75 -8.87 0.63 -1.52
N LEU A 76 -7.83 0.09 -0.86
CA LEU A 76 -7.49 -1.30 -1.08
C LEU A 76 -8.60 -2.23 -0.61
N GLU A 77 -9.18 -1.94 0.56
CA GLU A 77 -10.26 -2.79 1.04
C GLU A 77 -11.46 -2.73 0.10
N LEU A 78 -11.79 -1.54 -0.41
CA LEU A 78 -12.90 -1.45 -1.35
C LEU A 78 -12.63 -2.26 -2.61
N LEU A 79 -11.42 -2.13 -3.16
CA LEU A 79 -11.10 -2.87 -4.37
C LEU A 79 -11.16 -4.37 -4.12
N ARG A 80 -10.61 -4.83 -3.00
CA ARG A 80 -10.68 -6.25 -2.69
C ARG A 80 -12.12 -6.70 -2.51
N LYS A 81 -12.93 -5.88 -1.85
CA LYS A 81 -14.32 -6.23 -1.60
C LYS A 81 -15.08 -6.42 -2.91
N TYR A 82 -14.91 -5.51 -3.85
CA TYR A 82 -15.75 -5.51 -5.05
C TYR A 82 -15.08 -6.13 -6.27
N CYS A 83 -13.94 -5.61 -6.71
CA CYS A 83 -13.35 -6.05 -7.96
C CYS A 83 -12.80 -7.47 -7.89
N MET A 84 -12.62 -8.03 -6.70
CA MET A 84 -12.25 -9.43 -6.56
C MET A 84 -13.52 -10.26 -6.45
N GLY A 85 -13.65 -11.26 -7.31
CA GLY A 85 -14.86 -12.04 -7.36
C GLY A 85 -14.69 -13.22 -8.28
N ASP A 86 -15.82 -13.76 -8.74
CA ASP A 86 -15.84 -14.98 -9.51
C ASP A 86 -16.45 -14.84 -10.90
N ARG A 87 -17.11 -13.73 -11.20
CA ARG A 87 -17.77 -13.60 -12.49
C ARG A 87 -16.72 -13.71 -13.60
N PRO A 88 -16.98 -14.48 -14.65
CA PRO A 88 -15.97 -14.70 -15.68
C PRO A 88 -15.67 -13.44 -16.45
N VAL A 89 -14.41 -13.33 -16.88
CA VAL A 89 -13.97 -12.26 -17.79
C VAL A 89 -13.93 -12.84 -19.19
N GLN A 90 -14.64 -12.20 -20.11
CA GLN A 90 -14.89 -12.76 -21.43
C GLN A 90 -14.11 -12.04 -22.54
N PHE A 91 -13.04 -11.34 -22.18
CA PHE A 91 -12.18 -10.72 -23.17
C PHE A 91 -10.73 -11.15 -22.92
N GLU A 92 -9.92 -11.05 -23.96
CA GLU A 92 -8.56 -11.59 -23.96
C GLU A 92 -7.60 -10.56 -24.52
N ILE A 93 -6.33 -10.70 -24.14
CA ILE A 93 -5.27 -9.76 -24.50
C ILE A 93 -4.45 -10.36 -25.64
N LEU A 94 -4.24 -9.57 -26.69
CA LEU A 94 -3.42 -10.00 -27.82
C LEU A 94 -2.07 -9.32 -27.86
N SER A 95 -1.87 -8.26 -27.09
CA SER A 95 -0.64 -7.48 -27.14
C SER A 95 0.46 -8.16 -26.34
N ASP A 96 1.66 -7.55 -26.37
CA ASP A 96 2.79 -8.01 -25.58
C ASP A 96 2.69 -7.36 -24.21
N GLN A 97 2.12 -8.08 -23.24
CA GLN A 97 1.88 -7.52 -21.93
C GLN A 97 3.15 -6.94 -21.34
N SER A 98 4.26 -7.67 -21.45
CA SER A 98 5.52 -7.20 -20.89
C SER A 98 5.85 -5.79 -21.37
N VAL A 99 5.63 -5.52 -22.66
CA VAL A 99 5.88 -4.19 -23.19
C VAL A 99 5.00 -3.17 -22.48
N ASN A 100 3.72 -3.50 -22.29
CA ASN A 100 2.78 -2.54 -21.72
C ASN A 100 3.09 -2.26 -20.25
N PHE A 101 3.41 -3.30 -19.48
CA PHE A 101 3.65 -3.18 -18.04
C PHE A 101 5.09 -3.52 -17.68
N GLY A 102 6.04 -3.01 -18.46
CA GLY A 102 7.43 -3.38 -18.23
C GLY A 102 7.94 -3.00 -16.84
N PHE A 103 7.50 -1.85 -16.33
CA PHE A 103 8.02 -1.38 -15.05
C PHE A 103 7.60 -2.25 -13.87
N SER A 104 6.68 -3.18 -14.07
CA SER A 104 6.21 -4.06 -13.01
C SER A 104 6.88 -5.43 -13.12
N LYS A 105 7.37 -5.92 -11.98
CA LYS A 105 8.04 -7.21 -11.96
C LYS A 105 7.12 -8.37 -12.25
N PHE A 106 5.81 -8.14 -12.24
CA PHE A 106 4.86 -9.16 -12.69
C PHE A 106 4.24 -8.71 -14.00
N PRO A 107 4.96 -8.80 -15.10
CA PRO A 107 4.46 -8.27 -16.38
C PRO A 107 3.34 -9.11 -16.99
N TRP A 108 2.15 -9.01 -16.41
CA TRP A 108 0.96 -9.53 -17.06
C TRP A 108 -0.27 -8.93 -16.40
N VAL A 109 -1.39 -8.97 -17.12
CA VAL A 109 -2.61 -8.36 -16.61
C VAL A 109 -3.06 -9.09 -15.35
N ASN A 110 -3.62 -8.33 -14.41
CA ASN A 110 -3.91 -8.86 -13.08
C ASN A 110 -4.75 -10.13 -13.19
N TYR A 111 -5.84 -10.09 -13.95
CA TYR A 111 -6.71 -11.27 -13.99
C TYR A 111 -6.01 -12.47 -14.59
N GLN A 112 -4.89 -12.29 -15.28
CA GLN A 112 -4.10 -13.41 -15.76
C GLN A 112 -3.13 -13.93 -14.71
N ASP A 113 -2.98 -13.23 -13.59
CA ASP A 113 -2.23 -13.79 -12.49
C ASP A 113 -2.89 -15.09 -12.04
N GLY A 114 -2.06 -16.09 -11.75
CA GLY A 114 -2.59 -17.38 -11.34
C GLY A 114 -3.03 -17.42 -9.89
N ASN A 115 -2.83 -16.35 -9.14
CA ASN A 115 -3.02 -16.37 -7.70
C ASN A 115 -4.08 -15.39 -7.22
N LEU A 116 -4.64 -14.56 -8.09
CA LEU A 116 -5.61 -13.54 -7.69
C LEU A 116 -6.91 -13.76 -8.47
N ASN A 117 -8.02 -13.73 -7.74
CA ASN A 117 -9.33 -14.06 -8.32
C ASN A 117 -10.01 -12.80 -8.81
N ILE A 118 -9.34 -12.12 -9.74
CA ILE A 118 -9.84 -10.84 -10.24
C ILE A 118 -11.15 -11.06 -10.98
N SER A 119 -12.14 -10.24 -10.66
CA SER A 119 -13.43 -10.25 -11.34
C SER A 119 -13.65 -9.02 -12.20
N ILE A 120 -13.21 -7.86 -11.72
CA ILE A 120 -13.45 -6.59 -12.40
C ILE A 120 -12.12 -5.88 -12.56
N PRO A 121 -11.34 -6.20 -13.60
CA PRO A 121 -10.01 -5.60 -13.70
C PRO A 121 -10.10 -4.08 -13.78
N VAL A 122 -9.11 -3.43 -13.18
CA VAL A 122 -9.06 -1.97 -13.11
C VAL A 122 -7.86 -1.50 -13.92
N PHE A 123 -8.14 -0.75 -14.99
CA PHE A 123 -7.12 -0.09 -15.77
C PHE A 123 -7.11 1.39 -15.42
N SER A 124 -5.93 1.99 -15.43
CA SER A 124 -5.83 3.40 -15.11
C SER A 124 -4.54 3.94 -15.69
N ILE A 125 -4.43 5.26 -15.68
CA ILE A 125 -3.22 5.94 -16.11
C ILE A 125 -2.92 7.04 -15.11
N HIS A 126 -1.68 7.08 -14.66
CA HIS A 126 -1.29 7.99 -13.59
C HIS A 126 -1.59 9.41 -14.00
N GLY A 127 -2.22 10.16 -13.08
CA GLY A 127 -2.56 11.53 -13.32
C GLY A 127 -1.51 12.48 -12.74
N ASN A 128 -1.74 13.77 -12.99
CA ASN A 128 -0.76 14.77 -12.60
C ASN A 128 -0.44 14.69 -11.11
N ASN A 129 -1.47 14.66 -10.26
CA ASN A 129 -1.23 14.65 -8.83
C ASN A 129 -0.53 13.38 -8.36
N ASP A 130 -0.57 12.31 -9.16
CA ASP A 130 0.02 11.04 -8.76
C ASP A 130 0.91 10.46 -9.85
N ASP A 131 1.67 11.32 -10.52
CA ASP A 131 2.65 10.84 -11.48
C ASP A 131 3.83 10.21 -10.76
N PRO A 132 4.52 9.27 -11.39
CA PRO A 132 5.72 8.69 -10.75
C PRO A 132 6.71 9.77 -10.38
N THR A 133 7.32 9.62 -9.21
CA THR A 133 8.27 10.59 -8.72
C THR A 133 9.35 9.86 -7.92
N GLY A 134 10.32 10.64 -7.45
CA GLY A 134 11.46 10.10 -6.74
C GLY A 134 12.48 9.52 -7.70
N ALA A 135 13.70 9.35 -7.19
CA ALA A 135 14.74 8.72 -7.98
C ALA A 135 14.27 7.37 -8.49
N ASP A 136 13.47 6.66 -7.70
CA ASP A 136 12.90 5.40 -8.12
C ASP A 136 11.78 5.55 -9.13
N ALA A 137 11.13 6.72 -9.17
CA ALA A 137 10.05 6.98 -10.11
C ALA A 137 8.87 6.03 -9.88
N LEU A 138 8.27 6.14 -8.70
CA LEU A 138 7.14 5.33 -8.29
C LEU A 138 5.97 6.20 -7.90
N CYS A 139 4.77 5.62 -7.96
CA CYS A 139 3.53 6.31 -7.63
C CYS A 139 2.58 5.35 -6.94
N ALA A 140 1.47 5.90 -6.44
CA ALA A 140 0.52 5.08 -5.68
C ALA A 140 -0.06 3.97 -6.54
N LEU A 141 -0.42 4.28 -7.79
CA LEU A 141 -0.89 3.23 -8.66
C LEU A 141 0.10 2.09 -8.76
N ASP A 142 1.40 2.39 -8.62
CA ASP A 142 2.39 1.33 -8.55
C ASP A 142 2.17 0.47 -7.30
N ILE A 143 1.87 1.10 -6.17
CA ILE A 143 1.58 0.32 -4.97
C ILE A 143 0.43 -0.63 -5.22
N LEU A 144 -0.67 -0.10 -5.75
CA LEU A 144 -1.83 -0.95 -5.98
C LEU A 144 -1.51 -2.06 -6.99
N SER A 145 -0.82 -1.72 -8.07
CA SER A 145 -0.53 -2.71 -9.09
C SER A 145 0.33 -3.83 -8.54
N CYS A 146 1.45 -3.48 -7.90
CA CYS A 146 2.28 -4.52 -7.29
C CYS A 146 1.47 -5.36 -6.32
N ALA A 147 0.62 -4.71 -5.53
CA ALA A 147 -0.30 -5.48 -4.69
C ALA A 147 -1.16 -6.42 -5.51
N GLY A 148 -1.39 -6.11 -6.78
CA GLY A 148 -2.17 -6.97 -7.64
C GLY A 148 -3.63 -6.61 -7.74
N PHE A 149 -3.96 -5.33 -7.82
CA PHE A 149 -5.33 -4.89 -7.99
C PHE A 149 -5.55 -4.08 -9.26
N VAL A 150 -4.69 -3.09 -9.53
CA VAL A 150 -4.89 -2.16 -10.63
C VAL A 150 -3.80 -2.47 -11.64
N ASN A 151 -4.18 -2.56 -12.90
CA ASN A 151 -3.22 -2.73 -13.99
C ASN A 151 -2.80 -1.35 -14.46
N HIS A 152 -1.58 -0.96 -14.13
CA HIS A 152 -1.06 0.36 -14.48
C HIS A 152 -0.43 0.28 -15.86
N PHE A 153 -1.02 0.99 -16.81
CA PHE A 153 -0.55 0.98 -18.19
C PHE A 153 -0.36 2.42 -18.67
N GLY A 154 0.29 2.53 -19.83
CA GLY A 154 0.55 3.83 -20.40
C GLY A 154 1.80 4.51 -19.90
N ARG A 155 2.71 3.77 -19.28
CA ARG A 155 3.95 4.35 -18.80
C ARG A 155 4.84 4.74 -19.96
N SER A 156 5.62 5.81 -19.76
CA SER A 156 6.53 6.32 -20.77
C SER A 156 7.95 5.90 -20.41
N MET A 157 8.55 5.04 -21.24
CA MET A 157 9.89 4.56 -20.94
C MET A 157 10.94 5.65 -21.17
N SER A 158 10.79 6.42 -22.24
CA SER A 158 11.81 7.38 -22.66
C SER A 158 11.24 8.79 -22.69
N VAL A 159 12.00 9.73 -22.16
CA VAL A 159 11.60 11.14 -22.20
C VAL A 159 11.95 11.79 -23.53
N GLU A 160 13.09 11.41 -24.14
CA GLU A 160 13.48 11.99 -25.41
C GLU A 160 12.46 11.70 -26.49
N LYS A 161 11.99 10.45 -26.55
CA LYS A 161 10.95 10.05 -27.50
C LYS A 161 9.96 9.16 -26.80
N ILE A 162 8.71 9.18 -27.27
CA ILE A 162 7.62 8.46 -26.64
C ILE A 162 6.95 7.59 -27.70
N ASP A 163 6.84 6.29 -27.40
CA ASP A 163 6.19 5.32 -28.29
C ASP A 163 4.98 4.78 -27.54
N ILE A 164 3.81 5.33 -27.84
CA ILE A 164 2.59 5.00 -27.10
C ILE A 164 2.06 3.67 -27.66
N SER A 165 2.50 2.56 -27.06
CA SER A 165 2.07 1.26 -27.54
C SER A 165 0.67 0.95 -27.02
N PRO A 166 -0.15 0.23 -27.78
CA PRO A 166 -1.49 -0.12 -27.30
C PRO A 166 -1.53 -1.47 -26.62
N VAL A 167 -2.60 -1.67 -25.86
CA VAL A 167 -3.00 -2.97 -25.34
C VAL A 167 -4.21 -3.41 -26.14
N LEU A 168 -4.09 -4.54 -26.81
CA LEU A 168 -5.13 -5.01 -27.72
C LEU A 168 -6.11 -5.90 -26.97
N LEU A 169 -7.32 -5.40 -26.77
CA LEU A 169 -8.37 -6.13 -26.07
C LEU A 169 -9.36 -6.66 -27.09
N GLN A 170 -9.64 -7.95 -27.02
CA GLN A 170 -10.58 -8.59 -27.94
C GLN A 170 -11.65 -9.31 -27.15
N LYS A 171 -12.90 -9.07 -27.53
CA LYS A 171 -14.05 -9.78 -26.96
C LYS A 171 -14.93 -10.21 -28.13
N GLY A 172 -14.90 -11.50 -28.44
CA GLY A 172 -15.63 -11.96 -29.62
C GLY A 172 -15.11 -11.28 -30.86
N SER A 173 -16.02 -10.94 -31.77
CA SER A 173 -15.65 -10.30 -33.02
C SER A 173 -15.19 -8.86 -32.82
N THR A 174 -15.37 -8.28 -31.63
CA THR A 174 -14.97 -6.91 -31.36
C THR A 174 -13.54 -6.86 -30.86
N LYS A 175 -12.81 -5.83 -31.27
CA LYS A 175 -11.45 -5.60 -30.85
C LYS A 175 -11.27 -4.12 -30.49
N ILE A 176 -10.37 -3.84 -29.57
CA ILE A 176 -10.11 -2.49 -29.09
C ILE A 176 -8.61 -2.28 -28.98
N ALA A 177 -8.15 -1.09 -29.37
CA ALA A 177 -6.77 -0.68 -29.17
C ALA A 177 -6.78 0.49 -28.19
N LEU A 178 -6.33 0.22 -26.97
CA LEU A 178 -6.34 1.22 -25.90
C LEU A 178 -5.00 1.94 -25.86
N TYR A 179 -5.03 3.24 -26.14
CA TYR A 179 -3.83 4.07 -26.13
C TYR A 179 -3.90 5.05 -24.96
N GLY A 180 -3.08 4.82 -23.95
CA GLY A 180 -3.06 5.67 -22.78
C GLY A 180 -1.76 6.42 -22.69
N LEU A 181 -1.86 7.70 -22.31
CA LEU A 181 -0.70 8.57 -22.19
C LEU A 181 -0.74 9.20 -20.81
N GLY A 182 0.12 8.73 -19.92
CA GLY A 182 0.13 9.25 -18.57
C GLY A 182 0.28 10.77 -18.56
N SER A 183 -0.16 11.38 -17.47
CA SER A 183 -0.06 12.82 -17.34
C SER A 183 1.39 13.25 -17.48
N ILE A 184 1.62 14.25 -18.32
CA ILE A 184 2.95 14.83 -18.50
C ILE A 184 2.80 16.35 -18.43
N PRO A 185 3.78 17.07 -17.92
CA PRO A 185 3.65 18.54 -17.87
C PRO A 185 3.33 19.12 -19.24
N ASP A 186 2.40 20.06 -19.27
CA ASP A 186 1.81 20.49 -20.53
C ASP A 186 2.85 21.10 -21.47
N GLU A 187 3.71 21.99 -20.96
CA GLU A 187 4.67 22.64 -21.83
C GLU A 187 5.56 21.62 -22.52
N ARG A 188 6.07 20.65 -21.75
CA ARG A 188 6.97 19.66 -22.32
C ARG A 188 6.29 18.83 -23.39
N LEU A 189 5.07 18.37 -23.11
CA LEU A 189 4.38 17.53 -24.08
C LEU A 189 4.02 18.33 -25.33
N TYR A 190 3.62 19.58 -25.16
CA TYR A 190 3.39 20.45 -26.31
C TYR A 190 4.64 20.55 -27.17
N ARG A 191 5.78 20.80 -26.54
CA ARG A 191 7.01 20.91 -27.31
C ARG A 191 7.34 19.60 -28.01
N MET A 192 7.17 18.48 -27.31
CA MET A 192 7.48 17.19 -27.94
C MET A 192 6.60 16.96 -29.16
N PHE A 193 5.32 17.31 -29.06
CA PHE A 193 4.44 17.22 -30.22
C PHE A 193 4.92 18.14 -31.34
N VAL A 194 5.38 19.33 -30.98
CA VAL A 194 5.93 20.25 -31.98
C VAL A 194 7.12 19.63 -32.68
N ASN A 195 8.02 19.00 -31.92
CA ASN A 195 9.22 18.41 -32.46
C ASN A 195 8.98 17.04 -33.10
N LYS A 196 7.73 16.67 -33.33
CA LYS A 196 7.40 15.37 -33.92
C LYS A 196 8.01 14.23 -33.12
N LYS A 197 7.97 14.37 -31.79
CA LYS A 197 8.53 13.37 -30.88
C LYS A 197 7.48 12.46 -30.27
N VAL A 198 6.25 12.49 -30.77
CA VAL A 198 5.18 11.64 -30.28
C VAL A 198 4.74 10.73 -31.42
N THR A 199 4.80 9.42 -31.18
CA THR A 199 4.46 8.43 -32.19
C THR A 199 3.52 7.39 -31.58
N MET A 200 2.55 6.95 -32.37
CA MET A 200 1.55 5.98 -31.93
C MET A 200 1.60 4.77 -32.82
N LEU A 201 1.96 3.62 -32.25
CA LEU A 201 2.02 2.37 -32.99
C LEU A 201 0.60 1.86 -33.22
N ARG A 202 0.40 1.24 -34.39
CA ARG A 202 -0.88 0.63 -34.70
C ARG A 202 -0.66 -0.80 -35.19
N PRO A 203 -1.60 -1.71 -34.94
CA PRO A 203 -1.41 -3.09 -35.37
C PRO A 203 -1.49 -3.23 -36.88
N LYS A 204 -0.49 -3.92 -37.44
CA LYS A 204 -0.50 -4.18 -38.88
C LYS A 204 -1.63 -5.12 -39.27
N GLU A 205 -2.15 -5.88 -38.32
CA GLU A 205 -3.18 -6.86 -38.62
C GLU A 205 -4.56 -6.25 -38.47
N ASP A 206 -5.42 -6.47 -39.46
CA ASP A 206 -6.80 -6.00 -39.43
C ASP A 206 -6.86 -4.51 -39.07
N GLU A 207 -6.03 -3.73 -39.75
CA GLU A 207 -5.81 -2.34 -39.35
C GLU A 207 -7.12 -1.59 -39.16
N ASN A 208 -8.05 -1.75 -40.09
CA ASN A 208 -9.32 -1.03 -40.05
C ASN A 208 -10.29 -1.60 -39.02
N SER A 209 -9.96 -2.73 -38.40
CA SER A 209 -10.86 -3.40 -37.47
C SER A 209 -10.54 -3.10 -36.01
N TRP A 210 -9.79 -2.03 -35.74
CA TRP A 210 -9.42 -1.66 -34.37
C TRP A 210 -10.09 -0.36 -33.99
N PHE A 211 -11.10 -0.43 -33.12
CA PHE A 211 -11.70 0.77 -32.56
C PHE A 211 -10.65 1.42 -31.68
N ASN A 212 -10.04 2.49 -32.18
CA ASN A 212 -8.90 3.11 -31.52
C ASN A 212 -9.41 3.97 -30.37
N LEU A 213 -9.13 3.54 -29.15
CA LEU A 213 -9.58 4.23 -27.94
C LEU A 213 -8.36 4.85 -27.27
N PHE A 214 -8.43 6.17 -27.07
CA PHE A 214 -7.32 6.93 -26.52
C PHE A 214 -7.75 7.59 -25.21
N VAL A 215 -6.81 7.68 -24.28
CA VAL A 215 -7.04 8.32 -22.99
C VAL A 215 -5.87 9.23 -22.69
N ILE A 216 -6.16 10.40 -22.13
CA ILE A 216 -5.14 11.37 -21.78
C ILE A 216 -5.57 12.12 -20.54
N HIS A 217 -4.60 12.67 -19.83
CA HIS A 217 -4.85 13.49 -18.65
C HIS A 217 -4.08 14.78 -18.88
N GLN A 218 -4.72 15.72 -19.58
CA GLN A 218 -4.10 17.01 -19.87
C GLN A 218 -5.18 18.06 -19.97
N ASN A 219 -4.81 19.31 -19.68
CA ASN A 219 -5.75 20.40 -19.79
C ASN A 219 -6.34 20.46 -21.20
N ARG A 220 -7.65 20.68 -21.28
CA ARG A 220 -8.31 20.82 -22.56
C ARG A 220 -8.45 22.28 -22.97
N SER A 221 -8.69 23.17 -22.01
CA SER A 221 -8.80 24.58 -22.29
C SER A 221 -7.41 25.21 -22.36
N LYS A 222 -7.32 26.33 -23.07
CA LYS A 222 -6.05 27.01 -23.29
C LYS A 222 -5.86 28.10 -22.24
N HIS A 223 -4.93 27.86 -21.32
CA HIS A 223 -4.59 28.83 -20.29
C HIS A 223 -3.24 29.50 -20.54
N GLY A 224 -2.61 29.22 -21.67
CA GLY A 224 -1.31 29.79 -21.97
C GLY A 224 -0.90 29.45 -23.39
N SER A 225 0.27 29.96 -23.77
CA SER A 225 0.75 29.72 -25.13
C SER A 225 0.91 28.23 -25.40
N THR A 226 1.53 27.50 -24.46
CA THR A 226 1.64 26.06 -24.54
C THR A 226 1.18 25.41 -23.23
N ASN A 227 0.34 26.10 -22.46
CA ASN A 227 -0.17 25.57 -21.20
C ASN A 227 -1.48 24.83 -21.41
N PHE A 228 -1.50 23.97 -22.43
CA PHE A 228 -2.64 23.12 -22.72
C PHE A 228 -2.28 22.17 -23.86
N ILE A 229 -3.25 21.40 -24.34
CA ILE A 229 -3.03 20.54 -25.49
C ILE A 229 -4.13 20.78 -26.52
N PRO A 230 -3.82 21.34 -27.69
CA PRO A 230 -4.84 21.47 -28.74
C PRO A 230 -5.31 20.10 -29.21
N GLU A 231 -6.62 20.01 -29.48
CA GLU A 231 -7.15 18.79 -30.09
C GLU A 231 -6.57 18.58 -31.48
N GLN A 232 -6.21 19.66 -32.16
CA GLN A 232 -5.75 19.55 -33.54
C GLN A 232 -4.52 18.66 -33.65
N PHE A 233 -3.75 18.51 -32.57
CA PHE A 233 -2.56 17.67 -32.63
C PHE A 233 -2.92 16.23 -32.95
N LEU A 234 -3.95 15.70 -32.32
CA LEU A 234 -4.27 14.29 -32.48
C LEU A 234 -4.78 14.00 -33.89
N ASP A 235 -4.65 12.75 -34.30
CA ASP A 235 -4.99 12.31 -35.64
C ASP A 235 -6.43 11.79 -35.69
N ASP A 236 -6.97 11.72 -36.90
CA ASP A 236 -8.36 11.33 -37.10
C ASP A 236 -8.60 9.83 -37.00
N PHE A 237 -7.54 9.01 -37.09
CA PHE A 237 -7.74 7.57 -36.95
C PHE A 237 -8.18 7.19 -35.55
N ILE A 238 -7.88 8.02 -34.55
CA ILE A 238 -8.34 7.76 -33.20
C ILE A 238 -9.85 7.89 -33.16
N ASP A 239 -10.52 6.81 -32.76
CA ASP A 239 -11.98 6.82 -32.76
C ASP A 239 -12.54 7.66 -31.62
N LEU A 240 -12.22 7.29 -30.38
CA LEU A 240 -12.78 7.94 -29.20
C LEU A 240 -11.64 8.33 -28.26
N VAL A 241 -11.78 9.50 -27.65
CA VAL A 241 -10.77 10.04 -26.75
C VAL A 241 -11.42 10.30 -25.40
N ILE A 242 -10.80 9.78 -24.34
CA ILE A 242 -11.26 10.03 -22.97
C ILE A 242 -10.38 11.13 -22.39
N TRP A 243 -10.76 12.38 -22.62
CA TRP A 243 -10.09 13.49 -21.99
C TRP A 243 -10.52 13.51 -20.53
N GLY A 244 -9.55 13.42 -19.62
CA GLY A 244 -9.89 13.16 -18.23
C GLY A 244 -9.62 14.28 -17.25
N HIS A 245 -8.54 15.04 -17.45
CA HIS A 245 -8.07 15.92 -16.38
C HIS A 245 -9.06 17.03 -16.09
N GLU A 246 -9.77 17.52 -17.11
CA GLU A 246 -10.74 18.57 -16.89
C GLU A 246 -11.84 18.09 -15.96
N HIS A 247 -11.97 18.74 -14.81
CA HIS A 247 -12.90 18.25 -13.80
C HIS A 247 -14.36 18.47 -14.20
N GLU A 248 -14.67 19.55 -14.90
CA GLU A 248 -16.04 19.79 -15.34
C GLU A 248 -16.48 18.66 -16.26
N CYS A 249 -17.78 18.34 -16.21
CA CYS A 249 -18.30 17.19 -16.93
C CYS A 249 -18.93 17.61 -18.24
N LYS A 250 -18.55 16.94 -19.32
CA LYS A 250 -19.24 16.99 -20.61
C LYS A 250 -19.32 15.59 -21.18
N ILE A 251 -19.71 14.63 -20.33
CA ILE A 251 -19.54 13.21 -20.63
C ILE A 251 -20.11 12.86 -21.99
N ALA A 252 -21.08 13.63 -22.48
CA ALA A 252 -21.67 13.32 -23.77
C ALA A 252 -20.59 13.36 -24.84
N PRO A 253 -20.40 12.30 -25.62
CA PRO A 253 -19.43 12.35 -26.71
C PRO A 253 -19.77 13.43 -27.71
N THR A 254 -18.74 14.11 -28.21
CA THR A 254 -18.90 15.19 -29.16
C THR A 254 -17.93 14.98 -30.32
N LYS A 255 -18.43 15.17 -31.54
CA LYS A 255 -17.65 14.91 -32.74
C LYS A 255 -16.86 16.15 -33.13
N ASN A 256 -15.57 15.97 -33.42
CA ASN A 256 -14.72 17.02 -33.94
C ASN A 256 -14.79 16.98 -35.46
N GLU A 257 -15.43 17.98 -36.06
CA GLU A 257 -15.58 18.01 -37.50
C GLU A 257 -14.22 18.10 -38.19
N GLN A 258 -13.32 18.91 -37.65
CA GLN A 258 -12.00 19.06 -38.24
C GLN A 258 -11.22 17.75 -38.18
N GLN A 259 -11.30 17.04 -37.06
CA GLN A 259 -10.52 15.84 -36.84
C GLN A 259 -11.33 14.56 -36.98
N LEU A 260 -12.67 14.64 -36.97
CA LEU A 260 -13.52 13.49 -37.22
C LEU A 260 -13.39 12.41 -36.15
N PHE A 261 -13.08 12.80 -34.91
CA PHE A 261 -13.10 11.87 -33.79
C PHE A 261 -13.81 12.50 -32.61
N TYR A 262 -14.34 11.65 -31.74
CA TYR A 262 -15.14 12.11 -30.61
C TYR A 262 -14.25 12.34 -29.39
N ILE A 263 -14.68 13.26 -28.54
CA ILE A 263 -13.96 13.62 -27.33
C ILE A 263 -14.93 13.60 -26.16
N SER A 264 -14.60 12.84 -25.13
CA SER A 264 -15.43 12.71 -23.94
C SER A 264 -14.67 13.25 -22.74
N GLN A 265 -15.33 14.11 -21.97
CA GLN A 265 -14.76 14.71 -20.77
C GLN A 265 -15.60 14.26 -19.59
N PRO A 266 -15.29 13.11 -19.00
CA PRO A 266 -16.13 12.61 -17.89
C PRO A 266 -16.23 13.58 -16.73
N GLY A 267 -15.17 14.33 -16.45
CA GLY A 267 -15.19 15.27 -15.36
C GLY A 267 -14.93 14.58 -14.03
N SER A 268 -14.72 15.40 -13.01
CA SER A 268 -14.38 14.88 -11.70
C SER A 268 -15.52 14.08 -11.11
N SER A 269 -15.19 13.20 -10.18
CA SER A 269 -16.18 12.50 -9.38
C SER A 269 -16.39 13.17 -8.03
N VAL A 270 -15.72 14.30 -7.79
CA VAL A 270 -15.89 15.05 -6.55
C VAL A 270 -15.58 16.50 -6.86
N VAL A 271 -16.30 17.41 -6.20
CA VAL A 271 -16.16 18.85 -6.44
C VAL A 271 -14.96 19.33 -5.64
N THR A 272 -13.79 19.33 -6.27
CA THR A 272 -12.56 19.75 -5.60
C THR A 272 -12.48 21.25 -5.40
N SER A 273 -13.22 22.03 -6.17
CA SER A 273 -13.11 23.47 -6.16
C SER A 273 -14.46 24.11 -6.39
N LEU A 274 -14.56 25.38 -6.02
CA LEU A 274 -15.79 26.15 -6.22
C LEU A 274 -15.65 27.01 -7.47
N SER A 275 -15.79 26.36 -8.62
CA SER A 275 -15.71 26.99 -9.92
C SER A 275 -16.92 26.62 -10.76
N PRO A 276 -17.29 27.46 -11.74
CA PRO A 276 -18.53 27.19 -12.48
C PRO A 276 -18.56 25.80 -13.10
N GLY A 277 -17.43 25.32 -13.61
CA GLY A 277 -17.40 23.99 -14.18
C GLY A 277 -17.76 22.93 -13.17
N GLU A 278 -17.31 23.10 -11.92
CA GLU A 278 -17.61 22.13 -10.87
C GLU A 278 -19.11 22.00 -10.62
N ALA A 279 -19.89 23.03 -10.99
CA ALA A 279 -21.30 23.05 -10.61
C ALA A 279 -22.10 21.99 -11.35
N VAL A 280 -21.69 21.65 -12.58
CA VAL A 280 -22.47 20.70 -13.36
C VAL A 280 -22.61 19.39 -12.60
N LYS A 281 -23.78 18.77 -12.72
CA LYS A 281 -24.02 17.50 -12.04
C LYS A 281 -22.99 16.47 -12.47
N LYS A 282 -22.42 15.78 -11.48
CA LYS A 282 -21.38 14.80 -11.76
C LYS A 282 -22.02 13.54 -12.36
N HIS A 283 -21.24 12.86 -13.20
CA HIS A 283 -21.72 11.65 -13.85
C HIS A 283 -20.54 10.75 -14.14
N VAL A 284 -20.84 9.46 -14.34
CA VAL A 284 -19.86 8.46 -14.71
C VAL A 284 -20.36 7.72 -15.93
N GLY A 285 -19.51 7.63 -16.95
CA GLY A 285 -19.95 7.12 -18.23
C GLY A 285 -19.75 5.63 -18.43
N LEU A 286 -20.80 4.95 -18.86
CA LEU A 286 -20.73 3.56 -19.27
C LEU A 286 -20.59 3.53 -20.78
N LEU A 287 -19.41 3.17 -21.27
CA LEU A 287 -19.14 3.13 -22.69
C LEU A 287 -19.36 1.73 -23.23
N ARG A 288 -20.09 1.64 -24.33
CA ARG A 288 -20.32 0.39 -25.04
C ARG A 288 -19.65 0.46 -26.41
N ILE A 289 -18.88 -0.57 -26.74
CA ILE A 289 -18.18 -0.65 -28.02
C ILE A 289 -18.59 -1.93 -28.70
N LYS A 290 -19.03 -1.81 -29.96
CA LYS A 290 -19.37 -2.96 -30.78
C LYS A 290 -18.89 -2.67 -32.20
N GLY A 291 -17.95 -3.48 -32.68
CA GLY A 291 -17.34 -3.19 -33.96
C GLY A 291 -16.68 -1.82 -33.93
N ARG A 292 -16.86 -1.06 -35.01
CA ARG A 292 -16.30 0.28 -35.12
C ARG A 292 -17.20 1.35 -34.51
N LYS A 293 -18.35 0.96 -33.96
CA LYS A 293 -19.31 1.88 -33.40
C LYS A 293 -19.10 2.01 -31.89
N MET A 294 -19.79 2.97 -31.29
CA MET A 294 -19.72 3.16 -29.85
C MET A 294 -20.98 3.86 -29.38
N ASN A 295 -21.19 3.82 -28.07
CA ASN A 295 -22.29 4.54 -27.44
C ASN A 295 -21.90 4.84 -25.99
N MET A 296 -22.26 6.03 -25.54
CA MET A 296 -21.98 6.46 -24.17
C MET A 296 -23.29 6.76 -23.47
N HIS A 297 -23.44 6.22 -22.27
CA HIS A 297 -24.60 6.49 -21.41
C HIS A 297 -24.08 7.05 -20.09
N LYS A 298 -24.56 8.23 -19.72
CA LYS A 298 -24.13 8.87 -18.48
C LYS A 298 -25.02 8.41 -17.34
N ILE A 299 -24.40 8.11 -16.21
CA ILE A 299 -25.10 7.64 -15.03
C ILE A 299 -24.92 8.67 -13.92
N PRO A 300 -25.98 9.12 -13.27
CA PRO A 300 -25.81 10.05 -12.15
C PRO A 300 -25.19 9.37 -10.94
N LEU A 301 -24.51 10.16 -10.13
CA LEU A 301 -23.99 9.72 -8.85
C LEU A 301 -24.88 10.27 -7.74
N HIS A 302 -25.33 9.39 -6.86
CA HIS A 302 -26.25 9.77 -5.81
C HIS A 302 -25.55 10.21 -4.52
N THR A 303 -24.22 10.07 -4.45
CA THR A 303 -23.47 10.42 -3.25
C THR A 303 -22.61 11.65 -3.43
N VAL A 304 -22.42 12.13 -4.66
CA VAL A 304 -21.62 13.33 -4.87
C VAL A 304 -22.29 14.50 -4.17
N ARG A 305 -21.56 15.14 -3.26
CA ARG A 305 -22.12 16.26 -2.52
C ARG A 305 -22.47 17.38 -3.49
N GLN A 306 -23.67 17.93 -3.32
CA GLN A 306 -24.22 18.86 -4.31
C GLN A 306 -23.52 20.21 -4.23
N PHE A 307 -23.30 20.81 -5.39
CA PHE A 307 -22.70 22.13 -5.51
C PHE A 307 -23.65 23.01 -6.31
N PHE A 308 -24.06 24.13 -5.72
CA PHE A 308 -24.87 25.13 -6.41
C PHE A 308 -24.13 26.45 -6.38
N MET A 309 -24.00 27.07 -7.55
CA MET A 309 -23.33 28.35 -7.68
C MET A 309 -24.20 29.29 -8.50
N GLU A 310 -24.11 30.58 -8.19
CA GLU A 310 -24.85 31.58 -8.92
C GLU A 310 -24.02 32.86 -8.96
N ASP A 311 -23.99 33.49 -10.13
CA ASP A 311 -23.29 34.75 -10.33
C ASP A 311 -24.32 35.87 -10.41
N ILE A 312 -24.15 36.87 -9.54
CA ILE A 312 -25.09 37.99 -9.45
C ILE A 312 -24.32 39.27 -9.76
N VAL A 313 -24.85 40.07 -10.68
CA VAL A 313 -24.26 41.35 -11.05
C VAL A 313 -25.17 42.44 -10.49
N LEU A 314 -24.66 43.19 -9.50
CA LEU A 314 -25.46 44.23 -8.89
C LEU A 314 -25.80 45.31 -9.90
N ALA A 315 -24.84 45.70 -10.73
CA ALA A 315 -25.08 46.77 -11.69
C ALA A 315 -26.19 46.43 -12.68
N ASN A 316 -26.51 45.15 -12.84
CA ASN A 316 -27.60 44.75 -13.71
C ASN A 316 -28.97 44.86 -13.04
N HIS A 317 -29.02 45.30 -11.78
CA HIS A 317 -30.27 45.53 -11.06
C HIS A 317 -30.26 46.93 -10.48
N PRO A 318 -30.21 47.95 -11.33
CA PRO A 318 -30.28 49.33 -10.81
C PRO A 318 -31.58 49.62 -10.08
N ASP A 319 -32.69 49.03 -10.52
CA ASP A 319 -33.94 49.20 -9.81
C ASP A 319 -33.87 48.63 -8.40
N ILE A 320 -33.21 47.49 -8.24
CA ILE A 320 -33.08 46.84 -6.94
C ILE A 320 -31.95 47.44 -6.12
N PHE A 321 -30.79 47.67 -6.75
CA PHE A 321 -29.60 48.15 -6.07
C PHE A 321 -29.27 49.55 -6.57
N ASN A 322 -29.17 50.49 -5.63
CA ASN A 322 -28.77 51.86 -5.94
C ASN A 322 -27.53 52.19 -5.11
N PRO A 323 -26.36 52.37 -5.72
CA PRO A 323 -25.16 52.63 -4.90
C PRO A 323 -25.28 53.86 -4.02
N ASP A 324 -25.99 54.89 -4.48
CA ASP A 324 -26.19 56.08 -3.67
C ASP A 324 -27.06 55.78 -2.45
N ASN A 325 -27.90 54.76 -2.51
CA ASN A 325 -28.78 54.44 -1.39
C ASN A 325 -27.94 54.08 -0.17
N PRO A 326 -28.11 54.75 0.97
CA PRO A 326 -27.30 54.39 2.15
C PRO A 326 -27.53 52.96 2.62
N LYS A 327 -28.74 52.43 2.47
CA LYS A 327 -29.06 51.08 2.89
C LYS A 327 -28.95 50.07 1.75
N VAL A 328 -28.13 50.37 0.74
CA VAL A 328 -27.94 49.42 -0.36
C VAL A 328 -27.34 48.13 0.16
N THR A 329 -26.45 48.22 1.15
CA THR A 329 -25.82 47.03 1.71
C THR A 329 -26.85 46.10 2.34
N GLN A 330 -27.81 46.68 3.08
CA GLN A 330 -28.83 45.85 3.72
C GLN A 330 -29.70 45.14 2.69
N ALA A 331 -30.09 45.85 1.63
CA ALA A 331 -30.87 45.22 0.57
C ALA A 331 -30.06 44.12 -0.12
N ILE A 332 -28.77 44.36 -0.33
CA ILE A 332 -27.91 43.36 -0.93
C ILE A 332 -27.87 42.11 -0.05
N GLN A 333 -27.70 42.30 1.25
CA GLN A 333 -27.71 41.17 2.16
C GLN A 333 -29.03 40.43 2.09
N SER A 334 -30.14 41.17 2.06
CA SER A 334 -31.45 40.54 2.00
C SER A 334 -31.60 39.69 0.74
N PHE A 335 -31.22 40.24 -0.41
CA PHE A 335 -31.38 39.51 -1.66
C PHE A 335 -30.46 38.29 -1.70
N CYS A 336 -29.23 38.43 -1.20
CA CYS A 336 -28.32 37.29 -1.14
C CYS A 336 -28.88 36.21 -0.24
N LEU A 337 -29.45 36.60 0.91
CA LEU A 337 -30.06 35.64 1.81
C LEU A 337 -31.22 34.92 1.13
N GLU A 338 -32.05 35.67 0.40
CA GLU A 338 -33.16 35.04 -0.32
C GLU A 338 -32.66 34.05 -1.35
N LYS A 339 -31.64 34.45 -2.12
CA LYS A 339 -31.10 33.55 -3.14
C LYS A 339 -30.53 32.29 -2.53
N ILE A 340 -29.81 32.43 -1.42
CA ILE A 340 -29.25 31.25 -0.77
C ILE A 340 -30.35 30.36 -0.22
N GLU A 341 -31.42 30.97 0.29
CA GLU A 341 -32.55 30.17 0.73
C GLU A 341 -33.14 29.39 -0.43
N GLU A 342 -33.27 30.02 -1.60
CA GLU A 342 -33.78 29.32 -2.77
C GLU A 342 -32.86 28.18 -3.17
N MET A 343 -31.55 28.41 -3.13
CA MET A 343 -30.60 27.36 -3.46
C MET A 343 -30.75 26.18 -2.51
N LEU A 344 -30.86 26.46 -1.21
CA LEU A 344 -31.04 25.37 -0.24
C LEU A 344 -32.37 24.66 -0.47
N GLU A 345 -33.41 25.40 -0.84
CA GLU A 345 -34.69 24.77 -1.13
C GLU A 345 -34.55 23.80 -2.30
N ASN A 346 -33.89 24.23 -3.37
CA ASN A 346 -33.66 23.35 -4.51
C ASN A 346 -32.85 22.13 -4.10
N ALA A 347 -31.82 22.35 -3.28
CA ALA A 347 -30.98 21.23 -2.84
C ALA A 347 -31.79 20.21 -2.07
N GLU A 348 -32.63 20.68 -1.13
CA GLU A 348 -33.45 19.76 -0.35
C GLU A 348 -34.46 19.05 -1.24
N ARG A 349 -35.05 19.77 -2.18
CA ARG A 349 -36.01 19.15 -3.10
C ARG A 349 -35.36 18.02 -3.87
N GLU A 350 -34.17 18.27 -4.42
CA GLU A 350 -33.45 17.21 -5.13
C GLU A 350 -33.11 16.07 -4.20
N ARG A 351 -32.61 16.39 -2.99
CA ARG A 351 -32.18 15.35 -2.07
C ARG A 351 -33.34 14.46 -1.62
N LEU A 352 -34.56 14.99 -1.64
CA LEU A 352 -35.71 14.22 -1.15
C LEU A 352 -35.75 12.84 -1.80
N GLY A 353 -35.46 12.76 -3.09
CA GLY A 353 -35.49 11.49 -3.78
C GLY A 353 -34.24 10.65 -3.65
N ASN A 354 -33.22 11.12 -2.95
CA ASN A 354 -31.94 10.41 -2.83
C ASN A 354 -31.58 10.30 -1.36
N SER A 355 -31.65 9.09 -0.83
CA SER A 355 -31.32 8.88 0.58
C SER A 355 -29.82 9.03 0.83
N HIS A 356 -28.99 8.40 0.00
CA HIS A 356 -27.55 8.39 0.24
C HIS A 356 -26.91 9.75 0.06
N GLN A 357 -27.59 10.68 -0.60
CA GLN A 357 -26.99 11.96 -0.90
C GLN A 357 -26.60 12.69 0.39
N PRO A 358 -25.45 13.37 0.43
CA PRO A 358 -25.09 14.12 1.65
C PRO A 358 -26.12 15.18 1.95
N GLU A 359 -26.29 15.45 3.25
CA GLU A 359 -27.33 16.37 3.69
C GLU A 359 -26.97 17.83 3.46
N LYS A 360 -25.71 18.21 3.68
CA LYS A 360 -25.31 19.61 3.59
C LYS A 360 -24.66 19.86 2.25
N PRO A 361 -25.29 20.57 1.33
CA PRO A 361 -24.67 20.82 0.02
C PRO A 361 -23.74 22.01 0.06
N LEU A 362 -22.95 22.14 -1.00
CA LEU A 362 -21.99 23.23 -1.14
C LEU A 362 -22.62 24.37 -1.93
N VAL A 363 -22.40 25.60 -1.47
CA VAL A 363 -22.98 26.78 -2.08
C VAL A 363 -21.93 27.87 -2.12
N ARG A 364 -21.83 28.55 -3.26
CA ARG A 364 -20.96 29.71 -3.42
C ARG A 364 -21.69 30.73 -4.28
N LEU A 365 -21.80 31.96 -3.79
CA LEU A 365 -22.42 33.05 -4.52
C LEU A 365 -21.34 34.02 -4.97
N ARG A 366 -21.21 34.18 -6.28
CA ARG A 366 -20.22 35.10 -6.85
C ARG A 366 -20.88 36.44 -7.07
N VAL A 367 -20.39 37.46 -6.38
CA VAL A 367 -20.98 38.79 -6.41
C VAL A 367 -20.06 39.72 -7.18
N ASP A 368 -20.55 40.26 -8.29
CA ASP A 368 -19.87 41.33 -9.00
C ASP A 368 -20.38 42.65 -8.46
N TYR A 369 -19.59 43.29 -7.61
CA TYR A 369 -19.98 44.53 -6.95
C TYR A 369 -19.51 45.77 -7.73
N SER A 370 -19.32 45.63 -9.04
CA SER A 370 -18.92 46.77 -9.86
C SER A 370 -20.03 47.82 -9.86
N GLY A 371 -19.62 49.08 -9.97
CA GLY A 371 -20.54 50.19 -9.88
C GLY A 371 -20.52 50.93 -8.56
N GLY A 372 -19.52 50.71 -7.72
CA GLY A 372 -19.42 51.36 -6.44
C GLY A 372 -20.03 50.59 -5.28
N PHE A 373 -20.48 49.37 -5.50
CA PHE A 373 -21.06 48.56 -4.44
C PHE A 373 -19.96 47.98 -3.56
N GLU A 374 -20.21 47.96 -2.26
CA GLU A 374 -19.22 47.58 -1.27
C GLU A 374 -19.53 46.20 -0.73
N PRO A 375 -18.55 45.29 -0.68
CA PRO A 375 -18.80 44.00 -0.04
C PRO A 375 -19.02 44.15 1.46
N PHE A 376 -19.82 43.24 2.02
CA PHE A 376 -20.12 43.25 3.44
C PHE A 376 -19.42 42.08 4.13
N SER A 377 -19.65 41.96 5.43
CA SER A 377 -18.99 40.95 6.24
C SER A 377 -19.50 39.57 5.87
N VAL A 378 -18.69 38.82 5.12
CA VAL A 378 -19.09 37.47 4.73
C VAL A 378 -19.21 36.57 5.95
N LEU A 379 -18.32 36.74 6.92
CA LEU A 379 -18.36 35.88 8.11
C LEU A 379 -19.68 36.01 8.86
N ARG A 380 -20.07 37.25 9.15
CA ARG A 380 -21.29 37.47 9.91
C ARG A 380 -22.51 36.95 9.16
N PHE A 381 -22.56 37.17 7.85
CA PHE A 381 -23.67 36.64 7.06
C PHE A 381 -23.70 35.11 7.10
N SER A 382 -22.52 34.49 6.95
CA SER A 382 -22.46 33.02 6.94
C SER A 382 -22.76 32.42 8.29
N GLN A 383 -22.62 33.20 9.37
CA GLN A 383 -22.95 32.69 10.70
C GLN A 383 -24.31 31.99 10.71
N LYS A 384 -25.22 32.41 9.84
CA LYS A 384 -26.59 31.92 9.88
C LYS A 384 -26.76 30.57 9.19
N PHE A 385 -25.76 30.10 8.46
CA PHE A 385 -25.86 28.84 7.73
C PHE A 385 -24.78 27.84 8.13
N VAL A 386 -24.24 27.97 9.34
CA VAL A 386 -23.17 27.07 9.78
C VAL A 386 -23.64 25.62 9.72
N ASP A 387 -24.88 25.37 10.09
CA ASP A 387 -25.41 24.01 10.16
C ASP A 387 -26.13 23.59 8.88
N ARG A 388 -26.09 24.41 7.83
CA ARG A 388 -26.82 24.13 6.61
C ARG A 388 -25.94 23.76 5.43
N VAL A 389 -24.71 24.28 5.37
CA VAL A 389 -23.87 24.13 4.18
C VAL A 389 -22.50 23.60 4.58
N ALA A 390 -21.85 22.96 3.61
CA ALA A 390 -20.55 22.34 3.83
C ALA A 390 -19.38 23.31 3.73
N ASN A 391 -19.63 24.54 3.28
CA ASN A 391 -18.58 25.56 3.19
C ASN A 391 -19.07 26.84 3.85
N PRO A 392 -19.28 26.81 5.17
CA PRO A 392 -19.76 28.02 5.86
C PRO A 392 -18.83 29.20 5.68
N LYS A 393 -17.53 28.95 5.55
CA LYS A 393 -16.58 30.04 5.35
C LYS A 393 -16.46 30.46 3.89
N ASP A 394 -17.14 29.78 2.97
CA ASP A 394 -17.04 30.06 1.55
C ASP A 394 -18.43 30.10 0.92
N ILE A 395 -19.36 30.79 1.58
CA ILE A 395 -20.71 30.86 1.04
C ILE A 395 -20.81 31.91 -0.06
N ILE A 396 -20.08 33.00 0.06
CA ILE A 396 -20.13 34.09 -0.92
C ILE A 396 -18.73 34.34 -1.43
N HIS A 397 -18.64 34.91 -2.62
CA HIS A 397 -17.38 35.36 -3.19
C HIS A 397 -17.58 36.70 -3.86
N PHE A 398 -16.80 37.68 -3.45
CA PHE A 398 -16.82 39.01 -4.04
C PHE A 398 -15.69 39.14 -5.06
N PHE A 399 -15.98 39.73 -6.21
CA PHE A 399 -14.99 39.88 -7.25
C PHE A 399 -15.36 41.07 -8.13
N ARG A 400 -14.37 41.57 -8.86
CA ARG A 400 -14.55 42.73 -9.71
C ARG A 400 -13.76 42.59 -11.00
N THR B 3 17.04 -37.11 13.45
CA THR B 3 15.99 -36.81 14.41
C THR B 3 15.02 -35.79 13.85
N ALA B 4 15.56 -34.78 13.13
CA ALA B 4 14.70 -33.76 12.56
C ALA B 4 13.73 -34.35 11.55
N ASP B 5 14.21 -35.25 10.69
CA ASP B 5 13.33 -35.89 9.71
C ASP B 5 12.21 -36.66 10.41
N ALA B 6 12.55 -37.41 11.45
CA ALA B 6 11.52 -38.12 12.21
C ALA B 6 10.52 -37.14 12.83
N LEU B 7 11.02 -36.01 13.34
CA LEU B 7 10.12 -34.99 13.86
C LEU B 7 9.21 -34.44 12.78
N ASP B 8 9.73 -34.30 11.55
CA ASP B 8 8.95 -33.75 10.44
C ASP B 8 7.90 -34.79 10.05
N ASP B 9 6.70 -34.62 10.59
CA ASP B 9 5.58 -35.53 10.36
C ASP B 9 4.34 -34.71 10.04
N GLU B 10 3.29 -35.40 9.58
CA GLU B 10 2.02 -34.75 9.34
C GLU B 10 1.45 -34.09 10.59
N ASN B 11 1.87 -34.53 11.77
CA ASN B 11 1.43 -33.96 13.04
C ASN B 11 2.41 -32.95 13.59
N THR B 12 3.38 -32.50 12.78
CA THR B 12 4.43 -31.61 13.24
C THR B 12 4.33 -30.28 12.52
N PHE B 13 4.29 -29.19 13.29
CA PHE B 13 4.35 -27.86 12.72
C PHE B 13 5.78 -27.53 12.31
N LYS B 14 5.90 -26.64 11.32
CA LYS B 14 7.19 -26.13 10.88
C LYS B 14 7.07 -24.62 10.78
N ILE B 15 7.56 -23.92 11.80
CA ILE B 15 7.43 -22.47 11.92
C ILE B 15 8.79 -21.84 11.71
N LEU B 16 8.84 -20.81 10.88
CA LEU B 16 10.02 -19.98 10.73
C LEU B 16 9.79 -18.69 11.51
N VAL B 17 10.70 -18.39 12.43
CA VAL B 17 10.56 -17.26 13.34
C VAL B 17 11.68 -16.27 13.05
N ALA B 18 11.30 -15.00 12.90
CA ALA B 18 12.27 -13.92 12.75
C ALA B 18 11.60 -12.66 13.26
N THR B 19 12.40 -11.63 13.45
CA THR B 19 11.86 -10.42 14.05
C THR B 19 12.80 -9.25 13.77
N ASP B 20 12.29 -8.05 14.06
CA ASP B 20 13.04 -6.82 13.88
C ASP B 20 13.66 -6.76 12.49
N ILE B 21 12.87 -7.14 11.49
CA ILE B 21 13.32 -7.01 10.11
C ILE B 21 13.71 -5.57 9.83
N HIS B 22 13.05 -4.63 10.50
CA HIS B 22 13.34 -3.21 10.35
C HIS B 22 13.50 -2.86 8.87
N LEU B 23 12.55 -3.34 8.08
CA LEU B 23 12.64 -3.25 6.63
C LEU B 23 12.81 -1.80 6.18
N GLY B 24 13.75 -1.57 5.26
CA GLY B 24 13.94 -0.28 4.65
C GLY B 24 14.87 0.66 5.38
N PHE B 25 15.34 0.31 6.57
CA PHE B 25 16.11 1.25 7.37
C PHE B 25 17.38 1.62 6.63
N MET B 26 17.74 2.91 6.71
CA MET B 26 18.88 3.45 5.99
C MET B 26 18.80 3.08 4.51
N GLU B 27 17.60 3.23 3.95
CA GLU B 27 17.37 2.86 2.56
C GLU B 27 18.14 3.77 1.61
N LYS B 28 18.08 5.08 1.83
CA LYS B 28 18.62 6.03 0.86
C LYS B 28 20.13 5.89 0.68
N ASP B 29 20.83 5.25 1.61
CA ASP B 29 22.28 5.14 1.50
C ASP B 29 22.66 4.34 0.26
N ALA B 30 23.83 4.66 -0.29
CA ALA B 30 24.31 3.97 -1.48
C ALA B 30 24.84 2.59 -1.17
N VAL B 31 25.53 2.43 -0.04
CA VAL B 31 26.23 1.17 0.24
C VAL B 31 25.30 0.15 0.89
N ARG B 32 24.65 0.50 2.00
CA ARG B 32 23.78 -0.43 2.70
C ARG B 32 22.30 -0.20 2.39
N GLY B 33 21.99 0.66 1.43
CA GLY B 33 20.59 0.97 1.16
C GLY B 33 19.75 -0.23 0.83
N ASN B 34 20.31 -1.17 0.06
CA ASN B 34 19.56 -2.32 -0.41
C ASN B 34 19.71 -3.54 0.49
N ASP B 35 20.45 -3.43 1.59
CA ASP B 35 20.69 -4.59 2.43
C ASP B 35 19.39 -5.14 3.03
N THR B 36 18.53 -4.25 3.51
CA THR B 36 17.30 -4.71 4.17
C THR B 36 16.48 -5.58 3.24
N PHE B 37 16.27 -5.11 2.01
CA PHE B 37 15.48 -5.87 1.05
C PHE B 37 16.16 -7.19 0.72
N VAL B 38 17.47 -7.19 0.58
CA VAL B 38 18.18 -8.43 0.29
C VAL B 38 17.96 -9.43 1.42
N THR B 39 18.07 -8.97 2.66
CA THR B 39 17.86 -9.85 3.80
C THR B 39 16.43 -10.38 3.84
N LEU B 40 15.46 -9.51 3.57
CA LEU B 40 14.07 -9.95 3.56
C LEU B 40 13.86 -11.01 2.48
N ASP B 41 14.45 -10.79 1.31
CA ASP B 41 14.37 -11.79 0.26
C ASP B 41 15.00 -13.10 0.71
N GLU B 42 16.15 -13.02 1.39
CA GLU B 42 16.81 -14.23 1.84
C GLU B 42 15.91 -15.00 2.81
N ILE B 43 15.31 -14.30 3.77
CA ILE B 43 14.48 -14.99 4.75
C ILE B 43 13.24 -15.59 4.10
N LEU B 44 12.59 -14.84 3.21
CA LEU B 44 11.43 -15.40 2.52
C LEU B 44 11.81 -16.62 1.69
N ARG B 45 12.95 -16.55 1.01
CA ARG B 45 13.38 -17.68 0.20
C ARG B 45 13.69 -18.89 1.07
N LEU B 46 14.32 -18.67 2.22
CA LEU B 46 14.54 -19.75 3.16
C LEU B 46 13.21 -20.37 3.58
N ALA B 47 12.23 -19.53 3.88
CA ALA B 47 10.90 -20.04 4.21
C ALA B 47 10.38 -20.93 3.10
N GLN B 48 10.43 -20.45 1.86
CA GLN B 48 9.84 -21.20 0.75
C GLN B 48 10.64 -22.46 0.45
N GLU B 49 11.92 -22.48 0.83
CA GLU B 49 12.74 -23.65 0.55
C GLU B 49 12.53 -24.75 1.57
N ASN B 50 12.32 -24.39 2.84
CA ASN B 50 12.11 -25.36 3.91
C ASN B 50 10.64 -25.69 4.10
N GLU B 51 9.80 -25.46 3.09
CA GLU B 51 8.37 -25.79 3.15
C GLU B 51 7.76 -25.42 4.49
N VAL B 52 8.10 -24.23 4.99
CA VAL B 52 7.66 -23.82 6.31
C VAL B 52 6.15 -23.68 6.33
N ASP B 53 5.52 -24.19 7.40
CA ASP B 53 4.08 -24.13 7.51
C ASP B 53 3.59 -22.68 7.58
N PHE B 54 4.26 -21.85 8.37
CA PHE B 54 3.93 -20.43 8.40
C PHE B 54 5.04 -19.67 9.10
N ILE B 55 5.24 -18.44 8.66
CA ILE B 55 6.21 -17.53 9.28
C ILE B 55 5.52 -16.80 10.41
N LEU B 56 6.29 -16.47 11.45
CA LEU B 56 5.77 -15.74 12.60
C LEU B 56 6.73 -14.59 12.87
N LEU B 57 6.55 -13.49 12.15
CA LEU B 57 7.42 -12.33 12.31
C LEU B 57 7.19 -11.71 13.69
N GLY B 58 8.28 -11.38 14.37
CA GLY B 58 8.18 -10.88 15.72
C GLY B 58 7.83 -9.42 15.84
N GLY B 59 7.64 -8.73 14.73
CA GLY B 59 7.22 -7.34 14.72
C GLY B 59 8.22 -6.47 14.00
N ASP B 60 7.99 -5.16 14.11
CA ASP B 60 8.87 -4.17 13.49
C ASP B 60 9.17 -4.52 12.04
N LEU B 61 8.16 -5.01 11.33
CA LEU B 61 8.38 -5.41 9.94
C LEU B 61 8.69 -4.22 9.06
N PHE B 62 8.42 -3.01 9.53
CA PHE B 62 8.79 -1.78 8.83
C PHE B 62 9.58 -0.89 9.79
N HIS B 63 10.77 -0.48 9.38
CA HIS B 63 11.59 0.34 10.26
C HIS B 63 10.94 1.69 10.54
N GLU B 64 10.31 2.30 9.53
CA GLU B 64 9.77 3.64 9.64
C GLU B 64 8.26 3.59 9.76
N ASN B 65 7.72 4.36 10.71
CA ASN B 65 6.30 4.25 11.04
C ASN B 65 5.44 4.41 9.79
N LYS B 66 5.85 5.29 8.87
CA LYS B 66 5.20 5.43 7.58
C LYS B 66 6.21 5.04 6.51
N PRO B 67 6.17 3.81 6.01
CA PRO B 67 7.23 3.37 5.09
C PRO B 67 7.24 4.19 3.81
N SER B 68 8.42 4.29 3.22
CA SER B 68 8.57 5.00 1.96
C SER B 68 7.87 4.24 0.85
N ARG B 69 7.54 4.95 -0.23
CA ARG B 69 6.90 4.32 -1.37
C ARG B 69 7.71 3.13 -1.86
N LYS B 70 9.03 3.31 -1.99
CA LYS B 70 9.87 2.21 -2.45
C LYS B 70 9.85 1.05 -1.47
N THR B 71 9.95 1.34 -0.17
CA THR B 71 9.94 0.27 0.82
C THR B 71 8.68 -0.56 0.71
N LEU B 72 7.53 0.10 0.72
CA LEU B 72 6.26 -0.62 0.64
C LEU B 72 6.18 -1.39 -0.67
N HIS B 73 6.58 -0.77 -1.78
CA HIS B 73 6.49 -1.43 -3.08
C HIS B 73 7.32 -2.70 -3.10
N THR B 74 8.57 -2.61 -2.63
CA THR B 74 9.43 -3.79 -2.66
C THR B 74 8.97 -4.85 -1.67
N CYS B 75 8.46 -4.45 -0.51
CA CYS B 75 7.95 -5.44 0.44
C CYS B 75 6.79 -6.21 -0.18
N LEU B 76 5.86 -5.49 -0.79
CA LEU B 76 4.74 -6.16 -1.46
C LEU B 76 5.26 -7.05 -2.59
N GLU B 77 6.23 -6.56 -3.35
CA GLU B 77 6.79 -7.37 -4.43
C GLU B 77 7.32 -8.70 -3.90
N LEU B 78 8.18 -8.66 -2.88
CA LEU B 78 8.77 -9.88 -2.37
C LEU B 78 7.72 -10.80 -1.78
N LEU B 79 6.79 -10.24 -1.01
CA LEU B 79 5.76 -11.07 -0.40
C LEU B 79 4.92 -11.73 -1.48
N ARG B 80 4.63 -11.03 -2.57
CA ARG B 80 3.90 -11.63 -3.66
C ARG B 80 4.69 -12.74 -4.32
N LYS B 81 6.00 -12.52 -4.50
CA LYS B 81 6.79 -13.49 -5.25
C LYS B 81 6.99 -14.77 -4.45
N TYR B 82 7.05 -14.68 -3.13
CA TYR B 82 7.42 -15.84 -2.32
C TYR B 82 6.33 -16.35 -1.37
N CYS B 83 5.18 -15.68 -1.31
CA CYS B 83 4.09 -16.16 -0.47
C CYS B 83 2.96 -16.79 -1.27
N MET B 84 2.62 -16.23 -2.43
CA MET B 84 1.52 -16.72 -3.23
C MET B 84 1.99 -17.86 -4.11
N GLY B 85 1.25 -18.97 -4.08
CA GLY B 85 1.61 -20.14 -4.85
C GLY B 85 0.56 -21.22 -4.72
N ASP B 86 0.91 -22.39 -5.22
CA ASP B 86 0.00 -23.53 -5.22
C ASP B 86 0.26 -24.50 -4.07
N ARG B 87 1.10 -24.13 -3.12
CA ARG B 87 1.39 -25.03 -2.01
C ARG B 87 0.21 -25.02 -1.05
N PRO B 88 -0.44 -26.16 -0.79
CA PRO B 88 -1.59 -26.14 0.13
C PRO B 88 -1.15 -25.90 1.56
N VAL B 89 -2.00 -25.21 2.30
CA VAL B 89 -1.80 -25.00 3.73
C VAL B 89 -2.43 -26.18 4.47
N GLN B 90 -1.64 -26.86 5.28
CA GLN B 90 -2.02 -28.16 5.84
C GLN B 90 -2.39 -28.09 7.31
N PHE B 91 -2.78 -26.91 7.81
CA PHE B 91 -3.28 -26.79 9.17
C PHE B 91 -4.61 -26.04 9.15
N GLU B 92 -5.25 -26.00 10.31
CA GLU B 92 -6.63 -25.55 10.43
C GLU B 92 -6.77 -24.57 11.58
N ILE B 93 -7.66 -23.60 11.39
CA ILE B 93 -8.04 -22.66 12.45
C ILE B 93 -9.15 -23.28 13.27
N LEU B 94 -9.08 -23.10 14.59
CA LEU B 94 -10.11 -23.61 15.49
C LEU B 94 -10.70 -22.53 16.39
N SER B 95 -10.06 -21.37 16.50
CA SER B 95 -10.59 -20.28 17.29
C SER B 95 -11.66 -19.52 16.51
N ASP B 96 -12.34 -18.61 17.21
CA ASP B 96 -13.30 -17.72 16.57
C ASP B 96 -12.54 -16.59 15.91
N GLN B 97 -12.55 -16.55 14.59
CA GLN B 97 -11.61 -15.70 13.86
C GLN B 97 -11.87 -14.22 14.12
N SER B 98 -13.14 -13.80 14.07
CA SER B 98 -13.45 -12.37 14.11
C SER B 98 -12.84 -11.71 15.34
N VAL B 99 -12.71 -12.45 16.43
CA VAL B 99 -12.16 -11.87 17.65
C VAL B 99 -10.73 -11.39 17.42
N ASN B 100 -9.99 -12.10 16.58
CA ASN B 100 -8.57 -11.82 16.43
C ASN B 100 -8.28 -10.74 15.38
N PHE B 101 -8.91 -10.81 14.21
CA PHE B 101 -8.67 -9.86 13.13
C PHE B 101 -9.88 -8.95 12.93
N GLY B 102 -10.62 -8.68 14.00
CA GLY B 102 -11.89 -7.99 13.85
C GLY B 102 -11.76 -6.61 13.24
N PHE B 103 -10.64 -5.92 13.49
CA PHE B 103 -10.47 -4.56 13.01
C PHE B 103 -10.34 -4.50 11.49
N SER B 104 -10.18 -5.64 10.83
CA SER B 104 -10.17 -5.69 9.37
C SER B 104 -11.58 -5.96 8.86
N LYS B 105 -11.92 -5.28 7.77
CA LYS B 105 -13.23 -5.48 7.16
C LYS B 105 -13.41 -6.87 6.58
N PHE B 106 -12.38 -7.71 6.62
CA PHE B 106 -12.44 -9.10 6.18
C PHE B 106 -11.93 -9.99 7.31
N PRO B 107 -12.67 -10.06 8.40
CA PRO B 107 -12.14 -10.72 9.61
C PRO B 107 -12.00 -12.22 9.45
N TRP B 108 -10.93 -12.66 8.78
CA TRP B 108 -10.57 -14.06 8.77
C TRP B 108 -9.12 -14.18 8.29
N VAL B 109 -8.49 -15.30 8.64
CA VAL B 109 -7.14 -15.55 8.15
C VAL B 109 -7.12 -15.40 6.64
N ASN B 110 -6.11 -14.70 6.14
CA ASN B 110 -6.11 -14.33 4.73
C ASN B 110 -6.35 -15.52 3.81
N TYR B 111 -5.62 -16.61 4.01
CA TYR B 111 -5.73 -17.74 3.09
C TYR B 111 -7.14 -18.31 3.06
N GLN B 112 -7.89 -18.21 4.15
CA GLN B 112 -9.27 -18.69 4.13
C GLN B 112 -10.15 -17.87 3.20
N ASP B 113 -9.72 -16.69 2.81
CA ASP B 113 -10.42 -15.96 1.77
C ASP B 113 -10.32 -16.74 0.46
N GLY B 114 -11.42 -16.74 -0.31
CA GLY B 114 -11.42 -17.47 -1.56
C GLY B 114 -10.72 -16.78 -2.70
N ASN B 115 -10.56 -15.46 -2.62
CA ASN B 115 -10.05 -14.69 -3.74
C ASN B 115 -8.53 -14.79 -3.92
N LEU B 116 -7.79 -15.15 -2.88
CA LEU B 116 -6.34 -15.08 -2.89
C LEU B 116 -5.75 -16.49 -2.81
N ASN B 117 -4.70 -16.73 -3.60
CA ASN B 117 -4.02 -18.02 -3.60
C ASN B 117 -2.76 -17.91 -2.74
N ILE B 118 -2.97 -17.89 -1.43
CA ILE B 118 -1.88 -17.83 -0.48
C ILE B 118 -1.27 -19.22 -0.34
N SER B 119 0.03 -19.31 -0.44
CA SER B 119 0.65 -20.63 -0.21
C SER B 119 1.33 -20.64 1.16
N ILE B 120 1.89 -19.50 1.63
CA ILE B 120 2.64 -19.49 2.88
C ILE B 120 2.10 -18.37 3.76
N PRO B 121 1.21 -18.66 4.71
CA PRO B 121 0.63 -17.59 5.51
C PRO B 121 1.67 -16.89 6.36
N VAL B 122 1.39 -15.61 6.64
CA VAL B 122 2.28 -14.78 7.44
C VAL B 122 1.50 -14.26 8.63
N PHE B 123 1.97 -14.57 9.83
CA PHE B 123 1.38 -14.08 11.07
C PHE B 123 2.38 -13.16 11.74
N SER B 124 1.88 -12.10 12.38
CA SER B 124 2.77 -11.15 13.00
C SER B 124 2.04 -10.39 14.08
N ILE B 125 2.79 -9.58 14.81
CA ILE B 125 2.24 -8.59 15.72
C ILE B 125 2.85 -7.25 15.35
N HIS B 126 2.42 -6.19 16.01
CA HIS B 126 2.88 -4.85 15.67
C HIS B 126 3.95 -4.41 16.66
N GLY B 127 5.15 -4.17 16.13
CA GLY B 127 6.25 -3.71 16.95
C GLY B 127 6.14 -2.23 17.24
N ASN B 128 7.05 -1.77 18.10
CA ASN B 128 6.96 -0.40 18.60
C ASN B 128 6.97 0.61 17.46
N ASN B 129 7.92 0.46 16.53
CA ASN B 129 8.11 1.50 15.51
C ASN B 129 6.90 1.62 14.58
N ASP B 130 6.14 0.54 14.41
CA ASP B 130 4.98 0.55 13.51
C ASP B 130 3.69 0.27 14.28
N ASP B 131 3.61 0.73 15.53
CA ASP B 131 2.38 0.57 16.29
C ASP B 131 1.27 1.42 15.67
N PRO B 132 0.02 1.02 15.85
CA PRO B 132 -1.08 1.82 15.29
C PRO B 132 -1.01 3.25 15.79
N THR B 133 -1.22 4.19 14.87
CA THR B 133 -1.18 5.61 15.19
C THR B 133 -2.28 6.31 14.42
N GLY B 134 -2.64 7.50 14.90
CA GLY B 134 -3.71 8.26 14.30
C GLY B 134 -5.07 7.83 14.81
N ALA B 135 -6.07 8.66 14.52
CA ALA B 135 -7.43 8.39 14.99
C ALA B 135 -7.96 7.08 14.41
N ASP B 136 -7.37 6.62 13.31
CA ASP B 136 -7.84 5.40 12.66
C ASP B 136 -7.19 4.14 13.23
N ALA B 137 -6.10 4.26 13.96
CA ALA B 137 -5.45 3.10 14.59
C ALA B 137 -5.10 2.05 13.54
N LEU B 138 -4.39 2.48 12.50
CA LEU B 138 -3.93 1.60 11.44
C LEU B 138 -2.41 1.66 11.33
N CYS B 139 -1.81 0.53 10.96
CA CYS B 139 -0.37 0.42 10.83
C CYS B 139 -0.04 -0.36 9.56
N ALA B 140 1.16 -0.09 9.03
CA ALA B 140 1.57 -0.70 7.76
C ALA B 140 1.16 -2.17 7.68
N LEU B 141 1.40 -2.93 8.75
CA LEU B 141 0.95 -4.31 8.74
C LEU B 141 -0.55 -4.43 8.51
N ASP B 142 -1.32 -3.39 8.87
CA ASP B 142 -2.73 -3.40 8.54
C ASP B 142 -2.91 -3.22 7.04
N ILE B 143 -2.06 -2.40 6.41
CA ILE B 143 -2.15 -2.25 4.96
C ILE B 143 -1.92 -3.59 4.29
N LEU B 144 -0.86 -4.28 4.69
CA LEU B 144 -0.58 -5.58 4.09
C LEU B 144 -1.71 -6.57 4.38
N SER B 145 -2.28 -6.51 5.59
CA SER B 145 -3.42 -7.35 5.92
C SER B 145 -4.57 -7.12 4.95
N CYS B 146 -4.96 -5.85 4.78
CA CYS B 146 -6.01 -5.53 3.83
C CYS B 146 -5.66 -6.08 2.46
N ALA B 147 -4.40 -5.99 2.07
CA ALA B 147 -3.96 -6.60 0.83
C ALA B 147 -4.15 -8.11 0.86
N GLY B 148 -4.31 -8.69 2.05
CA GLY B 148 -4.49 -10.12 2.16
C GLY B 148 -3.21 -10.92 2.20
N PHE B 149 -2.09 -10.29 2.55
CA PHE B 149 -0.81 -10.99 2.57
C PHE B 149 -0.36 -11.38 3.97
N VAL B 150 -0.49 -10.49 4.95
CA VAL B 150 -0.04 -10.72 6.31
C VAL B 150 -1.23 -10.60 7.24
N ASN B 151 -1.45 -11.63 8.06
CA ASN B 151 -2.58 -11.66 8.97
C ASN B 151 -2.15 -11.00 10.27
N HIS B 152 -2.52 -9.74 10.45
CA HIS B 152 -2.13 -8.97 11.63
C HIS B 152 -3.00 -9.38 12.79
N PHE B 153 -2.44 -10.16 13.72
CA PHE B 153 -3.19 -10.64 14.87
C PHE B 153 -2.55 -10.09 16.15
N GLY B 154 -3.28 -10.24 17.25
CA GLY B 154 -2.80 -9.80 18.54
C GLY B 154 -3.14 -8.37 18.90
N ARG B 155 -3.98 -7.70 18.13
CA ARG B 155 -4.37 -6.34 18.47
C ARG B 155 -5.19 -6.34 19.77
N SER B 156 -5.05 -5.27 20.54
CA SER B 156 -5.83 -5.07 21.75
C SER B 156 -6.80 -3.91 21.53
N MET B 157 -8.09 -4.18 21.70
CA MET B 157 -9.09 -3.16 21.46
C MET B 157 -8.97 -2.02 22.47
N SER B 158 -8.94 -2.37 23.76
CA SER B 158 -8.94 -1.38 24.82
C SER B 158 -7.54 -1.20 25.37
N VAL B 159 -7.27 -0.02 25.91
CA VAL B 159 -6.02 0.22 26.62
C VAL B 159 -6.17 0.00 28.12
N GLU B 160 -7.39 0.11 28.65
CA GLU B 160 -7.60 -0.08 30.09
C GLU B 160 -7.56 -1.55 30.48
N LYS B 161 -8.09 -2.42 29.62
CA LYS B 161 -8.08 -3.86 29.87
C LYS B 161 -7.59 -4.57 28.62
N ILE B 162 -6.86 -5.66 28.82
CA ILE B 162 -6.31 -6.44 27.72
C ILE B 162 -6.76 -7.89 27.89
N ASP B 163 -7.31 -8.46 26.83
CA ASP B 163 -7.70 -9.88 26.79
C ASP B 163 -7.02 -10.49 25.59
N ILE B 164 -5.99 -11.30 25.82
CA ILE B 164 -5.19 -11.87 24.74
C ILE B 164 -5.86 -13.16 24.30
N SER B 165 -6.83 -13.05 23.43
CA SER B 165 -7.51 -14.24 22.96
C SER B 165 -6.59 -15.02 22.03
N PRO B 166 -6.31 -16.29 22.31
CA PRO B 166 -5.39 -17.04 21.45
C PRO B 166 -6.04 -17.45 20.14
N VAL B 167 -5.18 -17.62 19.14
CA VAL B 167 -5.56 -18.23 17.88
C VAL B 167 -5.17 -19.69 17.94
N LEU B 168 -6.13 -20.58 17.75
CA LEU B 168 -5.93 -22.01 17.91
C LEU B 168 -5.63 -22.63 16.55
N LEU B 169 -4.46 -23.25 16.44
CA LEU B 169 -4.01 -23.87 15.20
C LEU B 169 -3.74 -25.35 15.44
N GLN B 170 -4.30 -26.19 14.60
CA GLN B 170 -4.11 -27.63 14.70
C GLN B 170 -3.65 -28.17 13.35
N LYS B 171 -2.78 -29.17 13.40
CA LYS B 171 -2.35 -29.90 12.22
C LYS B 171 -2.23 -31.36 12.61
N GLY B 172 -3.08 -32.21 12.06
CA GLY B 172 -3.11 -33.58 12.50
C GLY B 172 -3.41 -33.64 13.99
N SER B 173 -2.60 -34.39 14.73
CA SER B 173 -2.77 -34.51 16.16
C SER B 173 -2.27 -33.28 16.91
N THR B 174 -1.22 -32.64 16.44
CA THR B 174 -0.61 -31.54 17.16
C THR B 174 -1.47 -30.29 17.08
N LYS B 175 -1.39 -29.47 18.13
CA LYS B 175 -2.17 -28.26 18.24
C LYS B 175 -1.31 -27.18 18.88
N ILE B 176 -1.58 -25.92 18.54
CA ILE B 176 -0.86 -24.78 19.10
C ILE B 176 -1.85 -23.71 19.49
N ALA B 177 -1.59 -23.06 20.62
CA ALA B 177 -2.30 -21.84 21.01
C ALA B 177 -1.32 -20.69 20.86
N LEU B 178 -1.63 -19.75 19.98
CA LEU B 178 -0.74 -18.64 19.68
C LEU B 178 -1.27 -17.38 20.36
N TYR B 179 -0.51 -16.85 21.32
CA TYR B 179 -0.86 -15.63 22.03
C TYR B 179 0.03 -14.49 21.55
N GLY B 180 -0.57 -13.52 20.88
CA GLY B 180 0.19 -12.39 20.39
C GLY B 180 -0.19 -11.09 21.07
N LEU B 181 0.77 -10.54 21.82
CA LEU B 181 0.56 -9.28 22.54
C LEU B 181 1.39 -8.22 21.85
N GLY B 182 0.74 -7.32 21.14
CA GLY B 182 1.45 -6.30 20.40
C GLY B 182 2.28 -5.41 21.31
N SER B 183 3.23 -4.71 20.70
CA SER B 183 4.07 -3.80 21.45
C SER B 183 3.22 -2.75 22.16
N ILE B 184 3.59 -2.46 23.39
CA ILE B 184 2.89 -1.46 24.20
C ILE B 184 3.95 -0.58 24.87
N PRO B 185 3.66 0.68 25.16
CA PRO B 185 4.61 1.46 25.97
C PRO B 185 4.95 0.72 27.26
N ASP B 186 6.24 0.58 27.53
CA ASP B 186 6.70 -0.33 28.56
C ASP B 186 6.14 0.03 29.93
N GLU B 187 6.21 1.30 30.31
CA GLU B 187 5.73 1.69 31.62
C GLU B 187 4.24 1.40 31.77
N ARG B 188 3.47 1.67 30.72
CA ARG B 188 2.04 1.41 30.78
C ARG B 188 1.76 -0.07 30.97
N LEU B 189 2.46 -0.93 30.22
CA LEU B 189 2.25 -2.36 30.36
C LEU B 189 2.66 -2.85 31.73
N TYR B 190 3.76 -2.30 32.28
CA TYR B 190 4.18 -2.68 33.63
C TYR B 190 3.12 -2.32 34.65
N ARG B 191 2.60 -1.09 34.56
CA ARG B 191 1.55 -0.68 35.49
C ARG B 191 0.34 -1.57 35.36
N MET B 192 -0.03 -1.94 34.13
CA MET B 192 -1.17 -2.83 33.94
C MET B 192 -0.91 -4.18 34.58
N PHE B 193 0.30 -4.72 34.44
CA PHE B 193 0.63 -5.99 35.08
C PHE B 193 0.51 -5.87 36.60
N VAL B 194 0.99 -4.76 37.16
CA VAL B 194 0.91 -4.57 38.60
C VAL B 194 -0.54 -4.50 39.06
N ASN B 195 -1.40 -3.90 38.24
CA ASN B 195 -2.80 -3.70 38.61
C ASN B 195 -3.69 -4.89 38.23
N LYS B 196 -3.10 -5.98 37.76
CA LYS B 196 -3.85 -7.22 37.54
C LYS B 196 -4.88 -7.06 36.43
N LYS B 197 -4.62 -6.15 35.50
CA LYS B 197 -5.52 -5.92 34.37
C LYS B 197 -5.23 -6.84 33.18
N VAL B 198 -4.20 -7.67 33.27
CA VAL B 198 -3.77 -8.50 32.16
C VAL B 198 -4.35 -9.90 32.34
N THR B 199 -4.87 -10.47 31.26
CA THR B 199 -5.48 -11.78 31.30
C THR B 199 -5.25 -12.49 29.97
N MET B 200 -5.05 -13.81 30.04
CA MET B 200 -4.80 -14.63 28.87
C MET B 200 -5.80 -15.77 28.85
N LEU B 201 -6.80 -15.66 27.98
CA LEU B 201 -7.86 -16.66 27.89
C LEU B 201 -7.27 -17.99 27.43
N ARG B 202 -7.92 -19.08 27.84
CA ARG B 202 -7.47 -20.42 27.49
C ARG B 202 -8.66 -21.27 27.07
N PRO B 203 -8.43 -22.29 26.26
CA PRO B 203 -9.54 -23.15 25.81
C PRO B 203 -9.88 -24.20 26.87
N LYS B 204 -11.16 -24.32 27.19
CA LYS B 204 -11.58 -25.32 28.18
C LYS B 204 -11.32 -26.74 27.68
N GLU B 205 -11.31 -26.93 26.36
CA GLU B 205 -11.19 -28.26 25.80
C GLU B 205 -9.73 -28.68 25.71
N ASP B 206 -9.43 -29.86 26.26
CA ASP B 206 -8.07 -30.40 26.24
C ASP B 206 -7.06 -29.37 26.73
N GLU B 207 -7.37 -28.77 27.89
CA GLU B 207 -6.64 -27.61 28.37
C GLU B 207 -5.14 -27.87 28.39
N ASN B 208 -4.73 -29.06 28.79
CA ASN B 208 -3.32 -29.39 28.87
C ASN B 208 -2.74 -29.90 27.56
N SER B 209 -3.56 -30.05 26.53
CA SER B 209 -3.09 -30.51 25.23
C SER B 209 -2.71 -29.38 24.28
N TRP B 210 -2.81 -28.12 24.74
CA TRP B 210 -2.53 -26.97 23.89
C TRP B 210 -1.15 -26.42 24.21
N PHE B 211 -0.25 -26.45 23.23
CA PHE B 211 1.07 -25.85 23.38
C PHE B 211 0.87 -24.33 23.43
N ASN B 212 1.05 -23.76 24.61
CA ASN B 212 0.83 -22.34 24.83
C ASN B 212 2.07 -21.58 24.36
N LEU B 213 1.95 -20.95 23.19
CA LEU B 213 3.03 -20.20 22.56
C LEU B 213 2.66 -18.72 22.58
N PHE B 214 3.51 -17.90 23.18
CA PHE B 214 3.21 -16.50 23.43
C PHE B 214 4.34 -15.62 22.92
N VAL B 215 4.04 -14.82 21.90
CA VAL B 215 5.00 -13.88 21.32
C VAL B 215 4.76 -12.52 21.95
N ILE B 216 5.85 -11.79 22.16
CA ILE B 216 5.76 -10.45 22.75
C ILE B 216 6.93 -9.63 22.22
N HIS B 217 6.71 -8.32 22.14
CA HIS B 217 7.73 -7.37 21.68
C HIS B 217 7.87 -6.34 22.78
N GLN B 218 8.82 -6.56 23.69
CA GLN B 218 9.05 -5.65 24.80
C GLN B 218 10.51 -5.77 25.23
N ASN B 219 10.99 -4.72 25.89
CA ASN B 219 12.36 -4.73 26.39
C ASN B 219 12.53 -5.84 27.44
N ARG B 220 13.65 -6.56 27.35
CA ARG B 220 13.92 -7.65 28.28
C ARG B 220 14.80 -7.20 29.44
N SER B 221 15.94 -6.59 29.13
CA SER B 221 16.84 -6.14 30.18
C SER B 221 16.22 -4.98 30.96
N LYS B 222 16.69 -4.81 32.19
CA LYS B 222 16.18 -3.76 33.08
C LYS B 222 16.83 -2.44 32.70
N HIS B 223 16.12 -1.64 31.89
CA HIS B 223 16.57 -0.30 31.53
C HIS B 223 15.97 0.78 32.44
N GLY B 224 15.17 0.40 33.41
CA GLY B 224 14.56 1.37 34.30
C GLY B 224 13.73 0.68 35.36
N SER B 225 13.13 1.48 36.22
CA SER B 225 12.29 0.93 37.29
C SER B 225 11.13 0.14 36.72
N THR B 226 10.41 0.72 35.77
CA THR B 226 9.32 0.03 35.08
C THR B 226 9.51 0.09 33.57
N ASN B 227 10.72 0.37 33.09
CA ASN B 227 11.01 0.45 31.66
C ASN B 227 11.50 -0.90 31.14
N PHE B 228 10.78 -1.97 31.46
CA PHE B 228 11.08 -3.30 30.96
C PHE B 228 10.02 -4.24 31.52
N ILE B 229 10.06 -5.50 31.09
CA ILE B 229 9.08 -6.50 31.47
C ILE B 229 9.81 -7.65 32.16
N PRO B 230 9.76 -7.71 33.49
CA PRO B 230 10.30 -8.88 34.19
C PRO B 230 9.63 -10.16 33.72
N GLU B 231 10.44 -11.20 33.53
CA GLU B 231 9.89 -12.47 33.06
C GLU B 231 8.95 -13.09 34.07
N GLN B 232 9.13 -12.78 35.36
CA GLN B 232 8.28 -13.39 36.39
C GLN B 232 6.82 -13.06 36.19
N PHE B 233 6.50 -12.00 35.45
CA PHE B 233 5.11 -11.62 35.27
C PHE B 233 4.34 -12.70 34.53
N LEU B 234 4.97 -13.39 33.58
CA LEU B 234 4.29 -14.44 32.85
C LEU B 234 4.02 -15.64 33.76
N ASP B 235 3.00 -16.39 33.39
CA ASP B 235 2.60 -17.58 34.14
C ASP B 235 3.28 -18.82 33.58
N ASP B 236 3.44 -19.82 34.44
CA ASP B 236 4.16 -21.03 34.08
C ASP B 236 3.47 -21.84 33.00
N PHE B 237 2.16 -21.66 32.81
CA PHE B 237 1.46 -22.44 31.80
C PHE B 237 1.97 -22.15 30.40
N ILE B 238 2.56 -20.97 30.19
CA ILE B 238 3.16 -20.65 28.89
C ILE B 238 4.36 -21.57 28.66
N ASP B 239 4.43 -22.15 27.47
CA ASP B 239 5.48 -23.10 27.17
C ASP B 239 6.72 -22.44 26.56
N LEU B 240 6.52 -21.62 25.53
CA LEU B 240 7.61 -20.99 24.82
C LEU B 240 7.28 -19.53 24.58
N VAL B 241 8.27 -18.66 24.79
CA VAL B 241 8.11 -17.23 24.61
C VAL B 241 9.13 -16.77 23.58
N ILE B 242 8.64 -16.09 22.55
CA ILE B 242 9.49 -15.49 21.53
C ILE B 242 9.59 -14.00 21.86
N TRP B 243 10.63 -13.62 22.58
CA TRP B 243 10.89 -12.23 22.87
C TRP B 243 11.44 -11.58 21.62
N GLY B 244 10.86 -10.44 21.24
CA GLY B 244 11.15 -9.89 19.93
C GLY B 244 11.96 -8.61 19.92
N HIS B 245 11.73 -7.71 20.87
CA HIS B 245 12.26 -6.37 20.73
C HIS B 245 13.78 -6.34 20.78
N GLU B 246 14.37 -7.09 21.72
CA GLU B 246 15.82 -7.01 21.90
C GLU B 246 16.53 -7.58 20.68
N HIS B 247 17.50 -6.82 20.13
CA HIS B 247 18.16 -7.14 18.84
C HIS B 247 19.30 -8.15 18.95
N GLU B 248 19.84 -8.39 20.14
CA GLU B 248 20.81 -9.46 20.34
C GLU B 248 20.16 -10.80 20.05
N CYS B 249 20.80 -11.59 19.19
CA CYS B 249 20.24 -12.87 18.76
C CYS B 249 20.64 -13.94 19.78
N LYS B 250 19.66 -14.52 20.45
CA LYS B 250 19.86 -15.60 21.40
C LYS B 250 18.90 -16.73 21.10
N ILE B 251 18.82 -17.09 19.82
CA ILE B 251 17.72 -17.94 19.35
C ILE B 251 17.75 -19.30 20.02
N ALA B 252 18.85 -19.65 20.66
CA ALA B 252 18.91 -20.92 21.38
C ALA B 252 17.89 -20.90 22.50
N PRO B 253 16.93 -21.83 22.53
CA PRO B 253 15.94 -21.82 23.62
C PRO B 253 16.61 -21.99 24.98
N THR B 254 16.12 -21.25 25.95
CA THR B 254 16.66 -21.25 27.31
C THR B 254 15.56 -21.53 28.31
N LYS B 255 15.81 -22.47 29.21
CA LYS B 255 14.86 -22.81 30.27
C LYS B 255 15.08 -21.88 31.45
N ASN B 256 13.99 -21.24 31.89
CA ASN B 256 14.00 -20.44 33.10
C ASN B 256 13.58 -21.34 34.26
N GLU B 257 14.51 -21.64 35.16
CA GLU B 257 14.26 -22.62 36.21
C GLU B 257 13.04 -22.25 37.03
N GLN B 258 12.75 -20.95 37.18
CA GLN B 258 11.68 -20.54 38.07
C GLN B 258 10.31 -20.72 37.43
N GLN B 259 10.09 -20.12 36.27
CA GLN B 259 8.78 -20.13 35.63
C GLN B 259 8.55 -21.34 34.73
N LEU B 260 9.57 -22.18 34.53
CA LEU B 260 9.40 -23.44 33.80
C LEU B 260 8.90 -23.20 32.37
N PHE B 261 9.22 -22.07 31.78
CA PHE B 261 8.93 -21.81 30.37
C PHE B 261 10.21 -21.47 29.63
N TYR B 262 10.28 -21.92 28.38
CA TYR B 262 11.39 -21.60 27.50
C TYR B 262 11.18 -20.22 26.90
N ILE B 263 12.29 -19.49 26.74
CA ILE B 263 12.28 -18.19 26.07
C ILE B 263 13.35 -18.22 24.98
N SER B 264 12.95 -17.87 23.76
CA SER B 264 13.86 -17.80 22.63
C SER B 264 13.82 -16.39 22.07
N GLN B 265 14.99 -15.84 21.78
CA GLN B 265 15.14 -14.46 21.32
C GLN B 265 15.75 -14.48 19.94
N PRO B 266 14.94 -14.46 18.88
CA PRO B 266 15.51 -14.51 17.52
C PRO B 266 16.46 -13.37 17.22
N GLY B 267 16.25 -12.21 17.81
CA GLY B 267 17.12 -11.08 17.54
C GLY B 267 16.93 -10.54 16.14
N SER B 268 17.39 -9.33 15.90
CA SER B 268 17.14 -8.66 14.63
C SER B 268 17.86 -9.38 13.50
N SER B 269 17.35 -9.18 12.30
CA SER B 269 17.95 -9.72 11.08
C SER B 269 18.87 -8.73 10.39
N VAL B 270 19.09 -7.54 10.98
CA VAL B 270 19.95 -6.54 10.39
C VAL B 270 20.52 -5.70 11.51
N VAL B 271 21.76 -5.27 11.35
CA VAL B 271 22.48 -4.52 12.38
C VAL B 271 21.99 -3.07 12.32
N THR B 272 21.00 -2.75 13.14
CA THR B 272 20.47 -1.39 13.18
C THR B 272 21.39 -0.43 13.92
N SER B 273 22.03 -0.88 14.99
CA SER B 273 22.88 -0.03 15.80
C SER B 273 24.18 -0.76 16.10
N LEU B 274 25.21 0.01 16.42
CA LEU B 274 26.54 -0.55 16.72
C LEU B 274 26.59 -0.82 18.22
N SER B 275 26.32 -2.08 18.58
CA SER B 275 26.36 -2.51 19.97
C SER B 275 26.96 -3.91 20.07
N PRO B 276 27.54 -4.25 21.23
CA PRO B 276 28.13 -5.60 21.36
C PRO B 276 27.13 -6.71 21.09
N GLY B 277 25.89 -6.55 21.54
CA GLY B 277 24.89 -7.57 21.27
C GLY B 277 24.69 -7.79 19.79
N GLU B 278 24.71 -6.71 19.01
CA GLU B 278 24.57 -6.82 17.56
C GLU B 278 25.68 -7.66 16.96
N ALA B 279 26.82 -7.77 17.64
CA ALA B 279 27.97 -8.45 17.05
C ALA B 279 27.65 -9.89 16.71
N VAL B 280 26.96 -10.60 17.61
CA VAL B 280 26.71 -12.02 17.40
C VAL B 280 26.08 -12.22 16.03
N LYS B 281 26.40 -13.34 15.40
CA LYS B 281 25.86 -13.65 14.09
C LYS B 281 24.36 -13.89 14.19
N LYS B 282 23.60 -13.29 13.26
CA LYS B 282 22.15 -13.40 13.27
C LYS B 282 21.72 -14.78 12.81
N HIS B 283 20.48 -15.12 13.10
CA HIS B 283 19.93 -16.43 12.76
C HIS B 283 18.42 -16.32 12.61
N VAL B 284 17.84 -17.34 11.99
CA VAL B 284 16.40 -17.49 11.86
C VAL B 284 16.02 -18.90 12.28
N GLY B 285 15.01 -19.02 13.13
CA GLY B 285 14.67 -20.28 13.76
C GLY B 285 13.57 -21.00 13.03
N LEU B 286 13.85 -22.23 12.63
CA LEU B 286 12.85 -23.12 12.03
C LEU B 286 12.18 -23.88 13.16
N LEU B 287 11.47 -23.17 14.02
CA LEU B 287 10.85 -23.79 15.19
C LEU B 287 9.91 -24.89 14.75
N ARG B 288 10.03 -26.05 15.38
CA ARG B 288 9.16 -27.19 15.16
C ARG B 288 8.40 -27.49 16.44
N ILE B 289 7.14 -27.90 16.29
CA ILE B 289 6.30 -28.23 17.43
C ILE B 289 5.65 -29.58 17.18
N LYS B 290 5.66 -30.44 18.20
CA LYS B 290 5.02 -31.75 18.14
C LYS B 290 4.62 -32.12 19.56
N GLY B 291 3.33 -32.36 19.78
CA GLY B 291 2.85 -32.58 21.14
C GLY B 291 3.23 -31.40 22.02
N ARG B 292 3.72 -31.69 23.22
CA ARG B 292 4.20 -30.65 24.12
C ARG B 292 5.69 -30.39 23.97
N LYS B 293 6.39 -31.18 23.16
CA LYS B 293 7.82 -31.01 22.95
C LYS B 293 8.07 -30.12 21.73
N MET B 294 9.19 -29.40 21.78
CA MET B 294 9.54 -28.45 20.75
C MET B 294 11.01 -28.59 20.40
N ASN B 295 11.36 -28.16 19.20
CA ASN B 295 12.74 -28.25 18.74
C ASN B 295 13.03 -27.03 17.87
N MET B 296 14.05 -26.27 18.25
CA MET B 296 14.44 -25.05 17.53
C MET B 296 15.81 -25.28 16.92
N HIS B 297 15.90 -25.10 15.60
CA HIS B 297 17.16 -25.23 14.89
C HIS B 297 17.45 -23.93 14.15
N LYS B 298 18.60 -23.33 14.44
CA LYS B 298 18.97 -22.05 13.86
C LYS B 298 19.49 -22.25 12.44
N ILE B 299 19.36 -21.21 11.63
CA ILE B 299 19.88 -21.19 10.27
C ILE B 299 20.56 -19.84 10.06
N PRO B 300 21.86 -19.80 9.73
CA PRO B 300 22.52 -18.50 9.54
C PRO B 300 22.01 -17.80 8.29
N LEU B 301 22.08 -16.47 8.32
CA LEU B 301 21.74 -15.64 7.17
C LEU B 301 23.02 -15.28 6.43
N HIS B 302 23.03 -15.50 5.12
CA HIS B 302 24.20 -15.22 4.31
C HIS B 302 24.25 -13.79 3.81
N THR B 303 23.28 -12.95 4.15
CA THR B 303 23.21 -11.61 3.59
C THR B 303 23.20 -10.51 4.64
N VAL B 304 23.19 -10.85 5.93
CA VAL B 304 23.31 -9.84 6.95
C VAL B 304 24.72 -9.26 6.89
N ARG B 305 24.80 -7.93 6.76
CA ARG B 305 26.12 -7.31 6.65
C ARG B 305 26.94 -7.66 7.87
N GLN B 306 28.17 -8.13 7.63
CA GLN B 306 29.01 -8.57 8.73
C GLN B 306 29.28 -7.42 9.69
N PHE B 307 29.33 -7.74 10.98
CA PHE B 307 29.64 -6.78 12.03
C PHE B 307 30.70 -7.38 12.93
N PHE B 308 31.86 -6.74 12.99
CA PHE B 308 32.93 -7.13 13.89
C PHE B 308 33.17 -5.99 14.88
N MET B 309 33.22 -6.32 16.16
CA MET B 309 33.35 -5.33 17.21
C MET B 309 34.35 -5.80 18.23
N GLU B 310 35.17 -4.88 18.72
CA GLU B 310 36.13 -5.18 19.78
C GLU B 310 36.39 -3.92 20.58
N ASP B 311 36.49 -4.07 21.90
CA ASP B 311 36.84 -2.99 22.80
C ASP B 311 38.29 -3.13 23.21
N ILE B 312 38.98 -2.00 23.31
CA ILE B 312 40.40 -1.97 23.68
C ILE B 312 40.56 -1.02 24.85
N VAL B 313 41.14 -1.53 25.94
CA VAL B 313 41.45 -0.72 27.11
C VAL B 313 42.94 -0.41 27.06
N LEU B 314 43.27 0.84 26.75
CA LEU B 314 44.67 1.23 26.63
C LEU B 314 45.40 1.04 27.95
N ALA B 315 44.75 1.34 29.07
CA ALA B 315 45.38 1.17 30.37
C ALA B 315 45.74 -0.29 30.64
N ASN B 316 45.13 -1.22 29.91
CA ASN B 316 45.42 -2.64 30.10
C ASN B 316 46.68 -3.09 29.36
N HIS B 317 47.35 -2.19 28.65
CA HIS B 317 48.58 -2.51 27.92
C HIS B 317 49.67 -1.51 28.30
N PRO B 318 50.07 -1.47 29.57
CA PRO B 318 51.12 -0.52 29.97
C PRO B 318 52.43 -0.76 29.24
N ASP B 319 52.78 -2.02 28.96
CA ASP B 319 54.02 -2.29 28.25
C ASP B 319 54.00 -1.68 26.85
N ILE B 320 52.89 -1.81 26.14
CA ILE B 320 52.79 -1.27 24.79
C ILE B 320 52.72 0.25 24.82
N PHE B 321 51.91 0.81 25.72
CA PHE B 321 51.61 2.24 25.73
C PHE B 321 51.98 2.83 27.08
N ASN B 322 52.64 3.99 27.04
CA ASN B 322 53.04 4.72 28.23
C ASN B 322 52.45 6.12 28.16
N PRO B 323 51.65 6.57 29.14
CA PRO B 323 51.07 7.91 29.05
C PRO B 323 52.13 9.01 28.94
N ASP B 324 53.33 8.78 29.45
CA ASP B 324 54.41 9.76 29.38
C ASP B 324 55.08 9.79 28.02
N ASN B 325 54.78 8.85 27.14
CA ASN B 325 55.43 8.79 25.83
C ASN B 325 54.84 9.85 24.91
N PRO B 326 55.63 10.77 24.37
CA PRO B 326 55.08 11.74 23.41
C PRO B 326 54.54 11.09 22.15
N LYS B 327 55.08 9.95 21.74
CA LYS B 327 54.64 9.25 20.54
C LYS B 327 53.45 8.35 20.79
N VAL B 328 52.92 8.35 22.02
CA VAL B 328 51.88 7.39 22.39
C VAL B 328 50.71 7.46 21.42
N THR B 329 50.39 8.66 20.94
CA THR B 329 49.30 8.79 19.98
C THR B 329 49.57 7.97 18.72
N GLN B 330 50.79 8.06 18.20
CA GLN B 330 51.12 7.35 16.98
C GLN B 330 51.13 5.84 17.20
N ALA B 331 51.65 5.38 18.34
CA ALA B 331 51.62 3.95 18.64
C ALA B 331 50.19 3.44 18.76
N ILE B 332 49.32 4.22 19.41
CA ILE B 332 47.92 3.85 19.51
C ILE B 332 47.31 3.76 18.12
N GLN B 333 47.60 4.73 17.26
CA GLN B 333 47.05 4.72 15.90
C GLN B 333 47.53 3.49 15.14
N SER B 334 48.81 3.15 15.26
CA SER B 334 49.34 1.98 14.58
C SER B 334 48.67 0.70 15.09
N PHE B 335 48.49 0.59 16.40
CA PHE B 335 47.83 -0.59 16.95
C PHE B 335 46.39 -0.68 16.46
N CYS B 336 45.69 0.46 16.42
CA CYS B 336 44.32 0.46 15.93
C CYS B 336 44.26 0.05 14.46
N LEU B 337 45.19 0.56 13.65
CA LEU B 337 45.25 0.16 12.25
C LEU B 337 45.47 -1.34 12.14
N GLU B 338 46.38 -1.89 12.92
CA GLU B 338 46.63 -3.33 12.89
C GLU B 338 45.39 -4.11 13.27
N LYS B 339 44.70 -3.69 14.33
CA LYS B 339 43.49 -4.38 14.75
C LYS B 339 42.44 -4.35 13.64
N ILE B 340 42.26 -3.19 13.01
CA ILE B 340 41.26 -3.07 11.96
C ILE B 340 41.64 -3.94 10.76
N GLU B 341 42.93 -4.00 10.44
CA GLU B 341 43.38 -4.86 9.35
C GLU B 341 43.09 -6.32 9.66
N GLU B 342 43.33 -6.75 10.90
CA GLU B 342 43.00 -8.12 11.28
C GLU B 342 41.50 -8.37 11.18
N MET B 343 40.70 -7.40 11.61
CA MET B 343 39.25 -7.52 11.48
C MET B 343 38.86 -7.72 10.03
N LEU B 344 39.41 -6.91 9.13
CA LEU B 344 39.08 -7.03 7.72
C LEU B 344 39.55 -8.37 7.16
N GLU B 345 40.73 -8.83 7.58
CA GLU B 345 41.21 -10.13 7.14
C GLU B 345 40.23 -11.23 7.53
N ASN B 346 39.79 -11.23 8.78
CA ASN B 346 38.83 -12.24 9.22
C ASN B 346 37.52 -12.12 8.45
N ALA B 347 37.07 -10.89 8.22
CA ALA B 347 35.84 -10.69 7.48
C ALA B 347 35.93 -11.29 6.09
N GLU B 348 37.02 -11.00 5.38
CA GLU B 348 37.20 -11.55 4.04
C GLU B 348 37.31 -13.07 4.09
N ARG B 349 38.00 -13.59 5.09
CA ARG B 349 38.14 -15.04 5.23
C ARG B 349 36.78 -15.71 5.33
N GLU B 350 35.91 -15.17 6.18
CA GLU B 350 34.58 -15.75 6.32
C GLU B 350 33.74 -15.51 5.07
N ARG B 351 33.90 -14.35 4.43
CA ARG B 351 33.13 -14.05 3.23
C ARG B 351 33.43 -15.04 2.12
N LEU B 352 34.70 -15.42 1.98
CA LEU B 352 35.11 -16.25 0.85
C LEU B 352 34.17 -17.43 0.63
N GLY B 353 33.54 -17.94 1.68
CA GLY B 353 32.69 -19.10 1.57
C GLY B 353 31.27 -18.83 1.12
N ASN B 354 30.85 -17.57 0.99
CA ASN B 354 29.49 -17.23 0.56
C ASN B 354 29.59 -16.01 -0.34
N SER B 355 29.28 -16.19 -1.62
CA SER B 355 29.30 -15.08 -2.56
C SER B 355 28.26 -14.03 -2.21
N HIS B 356 27.08 -14.46 -1.75
CA HIS B 356 25.97 -13.55 -1.53
C HIS B 356 26.27 -12.49 -0.46
N GLN B 357 27.26 -12.70 0.38
CA GLN B 357 27.46 -11.82 1.51
C GLN B 357 27.83 -10.42 1.04
N PRO B 358 27.42 -9.37 1.76
CA PRO B 358 27.79 -8.02 1.36
C PRO B 358 29.30 -7.83 1.38
N GLU B 359 29.78 -7.03 0.42
CA GLU B 359 31.22 -6.91 0.21
C GLU B 359 31.89 -6.10 1.30
N LYS B 360 31.33 -4.96 1.69
CA LYS B 360 31.99 -4.04 2.61
C LYS B 360 31.56 -4.33 4.04
N PRO B 361 32.38 -4.99 4.85
CA PRO B 361 31.97 -5.27 6.23
C PRO B 361 31.92 -4.00 7.05
N LEU B 362 31.10 -4.05 8.10
CA LEU B 362 30.98 -2.97 9.07
C LEU B 362 31.98 -3.19 10.19
N VAL B 363 32.43 -2.09 10.81
CA VAL B 363 33.42 -2.14 11.87
C VAL B 363 33.13 -1.05 12.88
N ARG B 364 33.33 -1.36 14.15
CA ARG B 364 33.21 -0.38 15.21
C ARG B 364 34.14 -0.81 16.34
N LEU B 365 35.17 0.00 16.58
CA LEU B 365 36.21 -0.34 17.54
C LEU B 365 36.10 0.62 18.72
N ARG B 366 35.65 0.12 19.86
CA ARG B 366 35.50 0.91 21.07
C ARG B 366 36.86 0.99 21.77
N VAL B 367 37.24 2.20 22.18
CA VAL B 367 38.52 2.45 22.83
C VAL B 367 38.24 3.09 24.19
N ASP B 368 38.72 2.46 25.25
CA ASP B 368 38.66 3.04 26.59
C ASP B 368 39.97 3.78 26.82
N TYR B 369 39.95 5.10 26.57
CA TYR B 369 41.15 5.92 26.62
C TYR B 369 41.40 6.48 28.02
N SER B 370 40.89 5.83 29.05
CA SER B 370 41.14 6.28 30.42
C SER B 370 42.61 6.11 30.77
N GLY B 371 43.06 6.89 31.75
CA GLY B 371 44.44 6.87 32.17
C GLY B 371 45.29 8.03 31.70
N GLY B 372 44.67 9.13 31.28
CA GLY B 372 45.42 10.27 30.77
C GLY B 372 45.68 10.25 29.28
N PHE B 373 45.18 9.26 28.57
CA PHE B 373 45.37 9.17 27.13
C PHE B 373 44.39 10.10 26.41
N GLU B 374 44.78 10.49 25.20
CA GLU B 374 43.99 11.44 24.42
C GLU B 374 43.54 10.80 23.11
N PRO B 375 42.35 11.13 22.62
CA PRO B 375 41.90 10.58 21.35
C PRO B 375 42.51 11.32 20.17
N PHE B 376 42.69 10.59 19.07
CA PHE B 376 43.18 11.17 17.84
C PHE B 376 42.03 11.41 16.87
N SER B 377 42.33 12.11 15.78
CA SER B 377 41.32 12.46 14.80
C SER B 377 40.65 11.21 14.26
N VAL B 378 39.31 11.20 14.29
CA VAL B 378 38.59 10.04 13.78
C VAL B 378 38.54 10.07 12.25
N LEU B 379 38.23 11.23 11.67
CA LEU B 379 38.11 11.31 10.22
C LEU B 379 39.44 11.05 9.53
N ARG B 380 40.52 11.68 10.02
CA ARG B 380 41.82 11.50 9.39
C ARG B 380 42.24 10.03 9.43
N PHE B 381 42.09 9.39 10.59
CA PHE B 381 42.45 7.99 10.69
C PHE B 381 41.57 7.12 9.79
N SER B 382 40.27 7.41 9.75
CA SER B 382 39.34 6.60 8.99
C SER B 382 39.46 6.80 7.48
N GLN B 383 40.13 7.87 7.06
CA GLN B 383 40.24 8.15 5.62
C GLN B 383 40.81 6.96 4.86
N LYS B 384 41.68 6.18 5.49
CA LYS B 384 42.39 5.12 4.78
C LYS B 384 41.47 3.98 4.36
N PHE B 385 40.31 3.84 4.99
CA PHE B 385 39.40 2.74 4.72
C PHE B 385 38.07 3.20 4.12
N VAL B 386 37.98 4.46 3.69
CA VAL B 386 36.72 4.97 3.17
C VAL B 386 36.16 4.05 2.10
N ASP B 387 37.03 3.39 1.33
CA ASP B 387 36.60 2.44 0.31
C ASP B 387 36.78 1.00 0.76
N ARG B 388 36.92 0.78 2.07
CA ARG B 388 37.20 -0.56 2.60
C ARG B 388 36.19 -1.05 3.62
N VAL B 389 35.47 -0.15 4.30
CA VAL B 389 34.47 -0.53 5.29
C VAL B 389 33.16 0.15 4.96
N ALA B 390 32.06 -0.45 5.40
CA ALA B 390 30.73 0.04 5.07
C ALA B 390 30.31 1.26 5.88
N ASN B 391 30.96 1.52 7.02
CA ASN B 391 30.62 2.66 7.86
C ASN B 391 31.89 3.44 8.19
N PRO B 392 32.56 3.95 7.16
CA PRO B 392 33.87 4.57 7.39
C PRO B 392 33.82 5.79 8.30
N LYS B 393 32.68 6.48 8.36
CA LYS B 393 32.63 7.72 9.13
C LYS B 393 32.69 7.49 10.63
N ASP B 394 32.43 6.27 11.09
CA ASP B 394 32.34 5.98 12.52
C ASP B 394 33.02 4.65 12.84
N ILE B 395 34.24 4.49 12.35
CA ILE B 395 34.93 3.22 12.57
C ILE B 395 35.38 3.08 14.02
N ILE B 396 35.67 4.19 14.70
CA ILE B 396 36.26 4.18 16.03
C ILE B 396 35.34 4.89 17.00
N HIS B 397 35.34 4.45 18.25
CA HIS B 397 34.55 5.07 19.31
C HIS B 397 35.46 5.32 20.51
N PHE B 398 35.50 6.58 20.96
CA PHE B 398 36.24 6.94 22.16
C PHE B 398 35.25 7.15 23.31
N PHE B 399 35.58 6.60 24.48
CA PHE B 399 34.72 6.70 25.63
C PHE B 399 35.54 6.48 26.90
N ARG B 400 34.97 6.86 28.03
CA ARG B 400 35.65 6.72 29.31
C ARG B 400 34.68 6.29 30.41
N LEU C 655 -4.56 9.20 -41.65
CA LEU C 655 -4.89 7.95 -40.99
C LEU C 655 -3.64 7.11 -40.77
N LEU C 656 -2.89 6.90 -41.85
CA LEU C 656 -1.71 6.04 -41.79
C LEU C 656 -0.70 6.58 -40.79
N THR C 657 -0.17 5.68 -39.97
CA THR C 657 0.87 6.01 -39.01
C THR C 657 1.81 4.80 -38.92
N GLU C 658 2.67 4.80 -37.90
CA GLU C 658 3.56 3.66 -37.71
C GLU C 658 2.73 2.42 -37.47
N PHE C 659 2.96 1.39 -38.27
CA PHE C 659 2.28 0.10 -38.13
C PHE C 659 3.30 -0.95 -37.71
N ARG C 660 2.98 -1.70 -36.67
CA ARG C 660 3.83 -2.77 -36.16
C ARG C 660 2.97 -3.98 -35.83
N SER C 661 3.36 -5.15 -36.32
CA SER C 661 2.66 -6.42 -36.01
C SER C 661 2.69 -6.63 -34.50
N LEU C 662 1.56 -6.41 -33.84
CA LEU C 662 1.48 -6.49 -32.36
C LEU C 662 0.80 -7.77 -31.88
N VAL C 663 0.01 -8.43 -32.73
CA VAL C 663 -0.70 -9.64 -32.27
C VAL C 663 0.39 -10.58 -31.79
N ILE C 664 0.32 -11.00 -30.52
CA ILE C 664 1.41 -11.81 -29.95
C ILE C 664 1.20 -13.25 -30.39
N LYS C 665 1.82 -13.61 -31.49
CA LYS C 665 1.79 -15.00 -32.01
C LYS C 665 3.24 -15.37 -32.24
N ASN C 666 3.76 -16.38 -31.53
CA ASN C 666 5.17 -16.84 -31.62
C ASN C 666 5.19 -17.88 -32.74
N SER C 667 6.30 -18.60 -32.96
CA SER C 667 6.32 -19.74 -33.92
C SER C 667 5.05 -20.56 -33.67
N THR C 668 4.64 -20.79 -32.40
CA THR C 668 3.35 -21.43 -32.04
C THR C 668 2.46 -20.32 -31.46
N SER C 669 1.27 -20.09 -32.01
CA SER C 669 0.36 -18.99 -31.58
C SER C 669 -0.14 -19.26 -30.16
N ARG C 670 -0.30 -18.21 -29.33
CA ARG C 670 -0.68 -18.35 -27.93
C ARG C 670 -2.08 -18.97 -27.82
N ASN C 671 -2.22 -19.93 -26.91
CA ASN C 671 -3.48 -20.64 -26.74
C ASN C 671 -4.25 -20.01 -25.61
N PRO C 672 -5.41 -19.39 -25.86
CA PRO C 672 -6.13 -18.73 -24.78
C PRO C 672 -6.59 -19.73 -23.73
N SER C 673 -6.68 -19.24 -22.49
CA SER C 673 -7.13 -20.07 -21.39
C SER C 673 -8.65 -20.14 -21.36
N GLY C 674 -9.18 -21.15 -20.66
CA GLY C 674 -10.60 -21.39 -20.64
C GLY C 674 -11.04 -21.98 -19.31
N ILE C 675 -12.36 -22.00 -19.13
CA ILE C 675 -13.00 -22.58 -17.95
C ILE C 675 -14.17 -23.43 -18.42
N ASN C 676 -14.58 -24.38 -17.55
CA ASN C 676 -15.71 -25.25 -17.85
C ASN C 676 -16.84 -24.46 -18.47
N ASP C 677 -17.36 -24.97 -19.59
CA ASP C 677 -18.31 -24.23 -20.41
C ASP C 677 -19.68 -24.22 -19.74
N ASP C 678 -20.00 -23.11 -19.07
CA ASP C 678 -21.29 -22.97 -18.40
C ASP C 678 -22.42 -22.72 -19.40
N TYR C 679 -22.19 -21.86 -20.39
CA TYR C 679 -23.16 -21.63 -21.47
C TYR C 679 -22.42 -21.74 -22.80
N GLY C 680 -22.96 -22.55 -23.71
CA GLY C 680 -22.32 -22.78 -24.98
C GLY C 680 -20.87 -23.18 -24.80
N GLN C 681 -19.96 -22.33 -25.25
CA GLN C 681 -18.54 -22.47 -24.98
C GLN C 681 -18.11 -21.23 -24.20
N LEU C 682 -18.19 -21.32 -22.88
CA LEU C 682 -17.96 -20.16 -22.02
C LEU C 682 -16.61 -19.53 -22.34
N LYS C 683 -16.58 -18.21 -22.44
CA LYS C 683 -15.35 -17.48 -22.72
C LYS C 683 -14.78 -16.94 -21.41
N ASN C 684 -13.85 -17.68 -20.82
CA ASN C 684 -13.11 -17.22 -19.65
C ASN C 684 -11.64 -17.36 -19.95
N PHE C 685 -10.85 -16.39 -19.51
CA PHE C 685 -9.40 -16.43 -19.66
C PHE C 685 -8.69 -16.28 -18.33
N LYS C 686 -9.43 -16.34 -17.22
CA LYS C 686 -8.78 -16.28 -15.90
C LYS C 686 -7.91 -17.49 -15.67
N LYS C 687 -7.01 -17.37 -14.69
CA LYS C 687 -6.12 -18.45 -14.27
C LYS C 687 -6.07 -18.56 -12.75
N PHE C 688 -7.16 -18.23 -12.07
CA PHE C 688 -7.24 -18.36 -10.63
C PHE C 688 -8.07 -19.57 -10.25
N LYS C 689 -7.57 -20.36 -9.32
CA LYS C 689 -8.30 -21.46 -8.72
C LYS C 689 -7.93 -21.51 -7.25
N LYS C 690 -8.84 -21.09 -6.39
CA LYS C 690 -8.56 -21.13 -4.95
C LYS C 690 -8.35 -22.58 -4.54
N VAL C 691 -7.31 -22.81 -3.73
CA VAL C 691 -6.96 -24.17 -3.34
C VAL C 691 -7.65 -24.51 -2.03
N THR C 692 -7.90 -25.80 -1.84
CA THR C 692 -8.55 -26.28 -0.63
C THR C 692 -7.60 -26.24 0.56
N TYR C 693 -8.18 -26.11 1.74
CA TYR C 693 -7.48 -26.21 3.00
C TYR C 693 -8.27 -27.14 3.91
N PRO C 694 -7.63 -27.70 4.94
CA PRO C 694 -8.34 -28.66 5.80
C PRO C 694 -9.61 -28.07 6.38
N GLY C 695 -10.64 -28.88 6.45
CA GLY C 695 -11.94 -28.43 6.91
C GLY C 695 -12.81 -27.82 5.84
N ALA C 696 -12.33 -27.73 4.60
CA ALA C 696 -13.10 -27.11 3.53
C ALA C 696 -14.42 -27.83 3.33
N GLY C 697 -15.49 -27.05 3.20
CA GLY C 697 -16.82 -27.61 3.07
C GLY C 697 -17.37 -28.21 4.34
N LYS C 698 -16.70 -28.00 5.47
CA LYS C 698 -17.08 -28.60 6.73
C LYS C 698 -17.49 -27.52 7.72
N LEU C 699 -18.47 -27.83 8.55
CA LEU C 699 -18.89 -26.90 9.58
C LEU C 699 -17.72 -26.59 10.49
N PRO C 700 -17.42 -25.31 10.75
CA PRO C 700 -16.24 -24.98 11.56
C PRO C 700 -16.45 -25.38 13.01
N HIS C 701 -15.44 -26.05 13.57
CA HIS C 701 -15.45 -26.42 14.99
C HIS C 701 -14.80 -25.26 15.75
N ILE C 702 -15.59 -24.23 16.02
CA ILE C 702 -15.09 -22.97 16.56
C ILE C 702 -15.05 -23.06 18.08
N ILE C 703 -13.93 -22.64 18.66
CA ILE C 703 -13.78 -22.65 20.11
C ILE C 703 -13.73 -21.21 20.60
N GLY C 704 -14.89 -20.64 20.93
CA GLY C 704 -14.95 -19.26 21.32
C GLY C 704 -16.03 -19.02 22.36
N GLY C 705 -16.11 -17.78 22.81
CA GLY C 705 -17.09 -17.44 23.83
C GLY C 705 -16.85 -18.24 25.09
N SER C 706 -17.91 -18.86 25.59
CA SER C 706 -17.80 -19.65 26.82
C SER C 706 -16.79 -20.77 26.70
N ASP C 707 -16.48 -21.21 25.49
CA ASP C 707 -15.54 -22.31 25.31
C ASP C 707 -14.17 -21.96 25.88
N LEU C 708 -13.85 -20.69 26.02
CA LEU C 708 -12.58 -20.24 26.56
C LEU C 708 -12.77 -19.80 28.00
N ILE C 709 -11.76 -20.06 28.83
CA ILE C 709 -11.81 -19.73 30.26
C ILE C 709 -10.58 -18.91 30.61
N ALA C 710 -10.79 -17.82 31.34
CA ALA C 710 -9.67 -17.05 31.85
C ALA C 710 -8.82 -17.93 32.76
N HIS C 711 -7.51 -17.76 32.68
CA HIS C 711 -6.60 -18.51 33.55
C HIS C 711 -6.49 -17.81 34.89
N HIS C 712 -6.74 -18.56 35.96
CA HIS C 712 -6.70 -18.02 37.31
C HIS C 712 -5.41 -18.42 38.02
#